data_7Q1D
#
_entry.id   7Q1D
#
_cell.length_a   90.957
_cell.length_b   100.489
_cell.length_c   131.908
_cell.angle_alpha   90.000
_cell.angle_beta   90.000
_cell.angle_gamma   90.000
#
_symmetry.space_group_name_H-M   'P 21 2 21'
#
loop_
_entity.id
_entity.type
_entity.pdbx_description
1 polymer 'Aminoglycoside N(3)-acetyltransferase III'
2 non-polymer 'SODIUM ION'
3 non-polymer '[[(2~{R},3~{S})-5-(6-aminopurin-9-yl)-4-oxidanyl-3-phosphonooxy-oxolan-2-yl]methoxy-oxidanyl-phosphoryl] [(3~{R})-4-[[(3~{S})-3-[2-[(1~{S})-1-[[(1~{S},2~{R},3~{R},4~{S},5~{R})-5-azanyl-3-[(4~{S},5~{R})-4-[(2~{S},3~{R},4~{R},5~{S},6~{E})-3-azanyl-6-(azanylmethylidene)-4,5-bis(oxidanyl)oxan-2-yl]oxy-5-(hydroxymethyl)-3-oxidanyl-oxolan-2-yl]oxy-2-[(2~{S},3~{R},4~{R},5~{S})-3-azanyl-6-(iminomethyl)-4,5-bis(oxidanyl)oxan-2-yl]oxy-4-oxidanyl-cyclohexyl]amino]-1-oxidanyl-ethyl]sulfanylethylamino]-3-oxidanyl-propyl]amino]-2,2-dimethyl-3-oxidanyl-4-oxidanylidene-butyl] hydrogen phosphate'
4 non-polymer GLYCEROL
5 non-polymer 2-[BIS-(2-HYDROXY-ETHYL)-AMINO]-2-HYDROXYMETHYL-PROPANE-1,3-DIOL
6 non-polymer 'CHLORIDE ION'
7 water water
#
_entity_poly.entity_id   1
_entity_poly.type   'polypeptide(L)'
_entity_poly.pdbx_seq_one_letter_code
;HHHHHHSSGLVPRGSHMTDLNIPHTHAHLVDAFQALGIRAGQALMLHASVKAVGAVMGGPNVILQALMDALTPDGTLMMY
AGWQDIPDFIDSLPDALKAVYLEQHPPFDPATARAVRENSVLAEFLRTWPCVHRSANPEASMVAVGRQAALLTANHALDY
GYGVESPLAKLVAIEGYVLMLGAPLDTITLLHHAEYLAKMRHKNVVRYPCPILRDGRKVWVTVEDYDTGDPHDDYSFEQI
ARDYVAQGGGTRGKVGDADAYLFAAQDLTRFAVQWLESRFGDSASYG
;
_entity_poly.pdbx_strand_id   A,B,C,D
#
# COMPACT_ATOMS: atom_id res chain seq x y z
N ILE A 22 -24.16 -44.76 -28.52
CA ILE A 22 -23.16 -45.51 -27.75
C ILE A 22 -22.19 -44.57 -27.04
N PRO A 23 -21.72 -44.96 -25.85
CA PRO A 23 -20.97 -44.02 -25.01
C PRO A 23 -19.64 -43.61 -25.62
N HIS A 24 -19.28 -42.35 -25.42
CA HIS A 24 -18.02 -41.82 -25.94
C HIS A 24 -16.84 -42.48 -25.23
N THR A 25 -15.82 -42.82 -26.00
CA THR A 25 -14.64 -43.46 -25.43
C THR A 25 -13.58 -42.45 -25.03
N HIS A 26 -12.70 -42.89 -24.14
CA HIS A 26 -11.55 -42.10 -23.73
C HIS A 26 -10.76 -41.62 -24.94
N ALA A 27 -10.43 -42.55 -25.85
CA ALA A 27 -9.60 -42.19 -26.99
C ALA A 27 -10.28 -41.14 -27.86
N HIS A 28 -11.59 -41.27 -28.06
CA HIS A 28 -12.28 -40.29 -28.89
C HIS A 28 -12.38 -38.93 -28.20
N LEU A 29 -12.49 -38.91 -26.87
CA LEU A 29 -12.48 -37.64 -26.18
C LEU A 29 -11.11 -36.97 -26.29
N VAL A 30 -10.02 -37.75 -26.14
CA VAL A 30 -8.68 -37.20 -26.34
C VAL A 30 -8.54 -36.59 -27.73
N ASP A 31 -8.92 -37.34 -28.77
CA ASP A 31 -8.89 -36.83 -30.13
C ASP A 31 -9.65 -35.51 -30.24
N ALA A 32 -10.85 -35.46 -29.65
CA ALA A 32 -11.68 -34.27 -29.77
C ALA A 32 -11.03 -33.07 -29.07
N PHE A 33 -10.45 -33.30 -27.90
CA PHE A 33 -9.76 -32.23 -27.20
C PHE A 33 -8.58 -31.72 -28.02
N GLN A 34 -7.82 -32.63 -28.62
CA GLN A 34 -6.68 -32.21 -29.43
C GLN A 34 -7.14 -31.45 -30.67
N ALA A 35 -8.25 -31.88 -31.28
CA ALA A 35 -8.76 -31.19 -32.46
C ALA A 35 -9.22 -29.78 -32.13
N LEU A 36 -9.74 -29.57 -30.92
CA LEU A 36 -10.17 -28.25 -30.48
C LEU A 36 -9.00 -27.31 -30.28
N GLY A 37 -7.82 -27.85 -29.96
CA GLY A 37 -6.65 -27.04 -29.72
C GLY A 37 -5.99 -27.23 -28.37
N ILE A 38 -6.43 -28.22 -27.58
CA ILE A 38 -5.75 -28.51 -26.32
C ILE A 38 -4.39 -29.11 -26.63
N ARG A 39 -3.35 -28.62 -25.95
CA ARG A 39 -1.98 -28.99 -26.25
C ARG A 39 -1.26 -29.37 -24.96
N ALA A 40 -0.25 -30.23 -25.11
CA ALA A 40 0.61 -30.61 -23.99
C ALA A 40 1.17 -29.38 -23.32
N GLY A 41 1.09 -29.34 -21.99
CA GLY A 41 1.71 -28.30 -21.19
C GLY A 41 0.84 -27.11 -20.89
N GLN A 42 -0.34 -27.01 -21.49
CA GLN A 42 -1.23 -25.90 -21.21
C GLN A 42 -1.72 -25.96 -19.77
N ALA A 43 -1.99 -24.78 -19.23
CA ALA A 43 -2.75 -24.63 -17.99
C ALA A 43 -4.17 -24.25 -18.38
N LEU A 44 -5.14 -25.03 -17.95
CA LEU A 44 -6.49 -24.96 -18.50
C LEU A 44 -7.50 -24.97 -17.36
N MET A 45 -8.41 -24.00 -17.38
CA MET A 45 -9.56 -23.97 -16.48
C MET A 45 -10.79 -24.48 -17.24
N LEU A 46 -11.52 -25.40 -16.63
CA LEU A 46 -12.62 -26.09 -17.29
C LEU A 46 -13.95 -25.67 -16.66
N HIS A 47 -14.94 -25.39 -17.51
CA HIS A 47 -16.35 -25.31 -17.12
C HIS A 47 -17.11 -26.33 -17.95
N ALA A 48 -18.01 -27.08 -17.31
CA ALA A 48 -18.55 -28.22 -18.03
C ALA A 48 -20.00 -28.49 -17.62
N SER A 49 -20.72 -29.13 -18.54
CA SER A 49 -21.98 -29.82 -18.27
C SER A 49 -21.80 -31.28 -18.66
N VAL A 50 -21.90 -32.18 -17.67
CA VAL A 50 -21.80 -33.61 -17.96
C VAL A 50 -22.90 -34.05 -18.90
N LYS A 51 -24.12 -33.53 -18.71
CA LYS A 51 -25.23 -33.96 -19.55
C LYS A 51 -25.00 -33.55 -21.01
N ALA A 52 -24.41 -32.38 -21.23
CA ALA A 52 -24.19 -31.90 -22.60
C ALA A 52 -23.20 -32.77 -23.35
N VAL A 53 -22.22 -33.34 -22.65
CA VAL A 53 -21.25 -34.22 -23.30
C VAL A 53 -21.90 -35.51 -23.78
N GLY A 54 -22.93 -35.98 -23.08
CA GLY A 54 -23.53 -37.26 -23.38
C GLY A 54 -22.81 -38.41 -22.70
N ALA A 55 -23.41 -39.60 -22.81
CA ALA A 55 -22.90 -40.76 -22.10
C ALA A 55 -21.45 -41.04 -22.49
N VAL A 56 -20.60 -41.21 -21.47
CA VAL A 56 -19.18 -41.48 -21.64
C VAL A 56 -18.91 -42.87 -21.07
N MET A 57 -18.13 -43.66 -21.80
CA MET A 57 -17.84 -45.04 -21.39
C MET A 57 -16.88 -45.01 -20.21
N GLY A 58 -17.40 -45.23 -19.00
CA GLY A 58 -16.64 -45.07 -17.78
C GLY A 58 -17.05 -43.87 -16.95
N GLY A 59 -17.96 -43.04 -17.44
CA GLY A 59 -18.49 -41.95 -16.65
C GLY A 59 -17.64 -40.69 -16.67
N PRO A 60 -18.04 -39.69 -15.87
CA PRO A 60 -17.33 -38.40 -15.92
C PRO A 60 -15.85 -38.48 -15.56
N ASN A 61 -15.40 -39.50 -14.81
CA ASN A 61 -13.98 -39.64 -14.55
C ASN A 61 -13.20 -39.68 -15.87
N VAL A 62 -13.79 -40.27 -16.92
CA VAL A 62 -13.10 -40.40 -18.19
C VAL A 62 -12.99 -39.06 -18.91
N ILE A 63 -13.96 -38.16 -18.72
CA ILE A 63 -13.80 -36.80 -19.24
C ILE A 63 -12.55 -36.17 -18.66
N LEU A 64 -12.39 -36.26 -17.33
CA LEU A 64 -11.24 -35.65 -16.67
C LEU A 64 -9.95 -36.33 -17.09
N GLN A 65 -9.93 -37.68 -17.13
CA GLN A 65 -8.70 -38.36 -17.51
C GLN A 65 -8.33 -38.08 -18.96
N ALA A 66 -9.30 -38.05 -19.85
CA ALA A 66 -8.99 -37.73 -21.25
C ALA A 66 -8.42 -36.33 -21.38
N LEU A 67 -8.99 -35.37 -20.64
CA LEU A 67 -8.48 -34.01 -20.70
C LEU A 67 -7.07 -33.93 -20.14
N MET A 68 -6.82 -34.61 -19.01
CA MET A 68 -5.48 -34.60 -18.44
CA MET A 68 -5.49 -34.66 -18.41
C MET A 68 -4.48 -35.36 -19.33
N ASP A 69 -4.93 -36.36 -20.09
CA ASP A 69 -4.01 -37.01 -21.02
C ASP A 69 -3.66 -36.08 -22.17
N ALA A 70 -4.64 -35.32 -22.66
CA ALA A 70 -4.34 -34.34 -23.71
C ALA A 70 -3.39 -33.27 -23.19
N LEU A 71 -3.50 -32.89 -21.91
CA LEU A 71 -2.62 -31.88 -21.33
C LEU A 71 -1.25 -32.44 -20.94
N THR A 72 -1.15 -33.75 -20.71
CA THR A 72 0.02 -34.46 -20.21
C THR A 72 0.34 -34.03 -18.78
N PRO A 73 1.21 -34.76 -18.07
CA PRO A 73 1.58 -34.32 -16.71
C PRO A 73 2.20 -32.93 -16.65
N ASP A 74 2.78 -32.45 -17.75
N ASP A 74 2.78 -32.43 -17.73
CA ASP A 74 3.34 -31.09 -17.79
CA ASP A 74 3.34 -31.08 -17.72
C ASP A 74 2.25 -30.03 -17.80
C ASP A 74 2.28 -30.01 -17.93
N GLY A 75 1.01 -30.38 -18.13
CA GLY A 75 -0.08 -29.44 -18.13
C GLY A 75 -0.80 -29.42 -16.80
N THR A 76 -1.79 -28.53 -16.70
CA THR A 76 -2.53 -28.34 -15.45
C THR A 76 -4.01 -28.18 -15.78
N LEU A 77 -4.87 -28.80 -14.97
CA LEU A 77 -6.32 -28.65 -15.11
C LEU A 77 -6.87 -28.07 -13.81
N MET A 78 -7.66 -26.99 -13.92
CA MET A 78 -8.22 -26.33 -12.75
C MET A 78 -9.71 -26.13 -12.93
N MET A 79 -10.46 -26.13 -11.81
CA MET A 79 -11.88 -25.85 -11.84
C MET A 79 -12.25 -25.03 -10.60
N TYR A 80 -13.32 -24.25 -10.71
CA TYR A 80 -13.86 -23.50 -9.57
C TYR A 80 -14.75 -24.43 -8.75
N ALA A 81 -14.32 -24.73 -7.51
CA ALA A 81 -15.10 -25.59 -6.62
C ALA A 81 -15.99 -24.79 -5.68
N GLY A 82 -15.44 -23.75 -5.03
CA GLY A 82 -16.20 -23.01 -4.03
C GLY A 82 -16.54 -23.93 -2.86
N TRP A 83 -17.63 -23.59 -2.17
CA TRP A 83 -18.08 -24.37 -1.02
C TRP A 83 -19.60 -24.42 -1.02
N GLN A 84 -20.15 -25.62 -1.29
CA GLN A 84 -21.60 -25.78 -1.39
C GLN A 84 -22.32 -25.30 -0.14
N ASP A 85 -21.69 -25.43 1.02
CA ASP A 85 -22.37 -25.17 2.28
C ASP A 85 -21.89 -23.90 2.97
N ILE A 86 -21.30 -22.98 2.23
CA ILE A 86 -20.80 -21.75 2.88
C ILE A 86 -21.96 -20.98 3.50
N PRO A 87 -21.90 -20.64 4.76
CA PRO A 87 -23.00 -19.93 5.42
C PRO A 87 -22.88 -18.41 5.31
N ASP A 88 -22.68 -17.92 4.10
CA ASP A 88 -22.43 -16.49 3.92
C ASP A 88 -23.70 -15.65 3.97
N PHE A 89 -24.83 -16.26 4.29
CA PHE A 89 -26.13 -15.62 4.35
C PHE A 89 -26.63 -15.37 5.77
N ILE A 90 -25.82 -15.67 6.78
CA ILE A 90 -26.36 -15.74 8.15
C ILE A 90 -26.63 -14.38 8.78
N ASP A 91 -25.92 -13.32 8.35
N ASP A 91 -25.94 -13.31 8.36
CA ASP A 91 -26.09 -12.02 8.98
CA ASP A 91 -26.13 -12.05 9.06
C ASP A 91 -27.52 -11.49 8.84
C ASP A 91 -27.54 -11.48 8.85
N SER A 92 -28.27 -11.99 7.87
CA SER A 92 -29.64 -11.54 7.62
C SER A 92 -30.69 -12.43 8.25
N LEU A 93 -30.29 -13.44 9.05
CA LEU A 93 -31.21 -14.29 9.77
C LEU A 93 -31.56 -13.68 11.12
N PRO A 94 -32.71 -14.06 11.69
CA PRO A 94 -33.02 -13.64 13.06
C PRO A 94 -31.89 -14.06 14.00
N ASP A 95 -31.64 -13.21 15.00
CA ASP A 95 -30.47 -13.42 15.87
C ASP A 95 -30.48 -14.78 16.56
N ALA A 96 -31.66 -15.30 16.91
CA ALA A 96 -31.72 -16.62 17.54
C ALA A 96 -31.22 -17.71 16.59
N LEU A 97 -31.66 -17.65 15.33
CA LEU A 97 -31.16 -18.59 14.33
C LEU A 97 -29.68 -18.35 14.02
N LYS A 98 -29.30 -17.08 13.88
CA LYS A 98 -27.90 -16.74 13.63
C LYS A 98 -26.98 -17.33 14.69
N ALA A 99 -27.41 -17.27 15.96
CA ALA A 99 -26.57 -17.76 17.06
C ALA A 99 -26.30 -19.25 16.92
N VAL A 100 -27.30 -20.00 16.47
CA VAL A 100 -27.10 -21.43 16.26
C VAL A 100 -26.07 -21.67 15.16
N TYR A 101 -26.18 -20.96 14.04
CA TYR A 101 -25.18 -21.09 12.98
C TYR A 101 -23.79 -20.77 13.50
N LEU A 102 -23.66 -19.68 14.28
CA LEU A 102 -22.36 -19.28 14.79
C LEU A 102 -21.76 -20.36 15.69
N GLU A 103 -22.61 -21.11 16.40
CA GLU A 103 -22.12 -22.14 17.31
C GLU A 103 -21.93 -23.47 16.61
N GLN A 104 -22.81 -23.82 15.67
CA GLN A 104 -22.89 -25.20 15.20
C GLN A 104 -22.45 -25.41 13.76
N HIS A 105 -22.39 -24.38 12.93
CA HIS A 105 -22.01 -24.61 11.54
C HIS A 105 -20.54 -24.97 11.45
N PRO A 106 -20.17 -26.00 10.69
CA PRO A 106 -18.77 -26.39 10.55
C PRO A 106 -17.97 -25.33 9.80
N PRO A 107 -16.67 -25.25 10.03
CA PRO A 107 -15.81 -24.35 9.27
C PRO A 107 -15.49 -24.92 7.90
N PHE A 108 -14.97 -24.06 7.03
CA PHE A 108 -14.42 -24.53 5.76
C PHE A 108 -13.19 -25.37 6.05
N ASP A 109 -13.27 -26.67 5.75
CA ASP A 109 -12.12 -27.54 5.86
C ASP A 109 -11.80 -27.96 4.44
N PRO A 110 -10.67 -27.54 3.86
CA PRO A 110 -10.42 -27.82 2.45
C PRO A 110 -10.38 -29.30 2.12
N ALA A 111 -10.12 -30.17 3.10
CA ALA A 111 -10.08 -31.60 2.81
C ALA A 111 -11.47 -32.16 2.53
N THR A 112 -12.53 -31.57 3.11
CA THR A 112 -13.86 -32.15 2.99
C THR A 112 -14.93 -31.23 2.40
N ALA A 113 -14.71 -29.91 2.36
CA ALA A 113 -15.79 -29.00 1.94
C ALA A 113 -16.21 -29.32 0.52
N ARG A 114 -17.49 -29.60 0.33
CA ARG A 114 -17.95 -30.06 -0.97
CA ARG A 114 -17.99 -30.05 -0.96
C ARG A 114 -18.05 -28.89 -1.95
N ALA A 115 -17.77 -29.19 -3.21
CA ALA A 115 -17.88 -28.18 -4.25
C ALA A 115 -19.33 -27.78 -4.48
N VAL A 116 -19.51 -26.53 -4.89
CA VAL A 116 -20.85 -26.04 -5.23
C VAL A 116 -21.44 -26.95 -6.31
N ARG A 117 -22.66 -27.46 -6.07
CA ARG A 117 -23.25 -28.41 -7.01
C ARG A 117 -23.46 -27.77 -8.38
N GLU A 118 -23.86 -26.49 -8.41
CA GLU A 118 -24.09 -25.78 -9.67
C GLU A 118 -22.80 -25.48 -10.43
N ASN A 119 -21.63 -25.78 -9.88
CA ASN A 119 -20.38 -25.67 -10.59
C ASN A 119 -20.04 -26.93 -11.40
N SER A 120 -20.98 -27.86 -11.47
CA SER A 120 -20.92 -29.19 -12.12
C SER A 120 -20.36 -30.23 -11.17
N VAL A 121 -20.95 -31.43 -11.21
CA VAL A 121 -20.38 -32.56 -10.48
C VAL A 121 -18.92 -32.78 -10.85
N LEU A 122 -18.50 -32.39 -12.07
CA LEU A 122 -17.10 -32.53 -12.45
C LEU A 122 -16.16 -31.77 -11.51
N ALA A 123 -16.58 -30.63 -10.97
CA ALA A 123 -15.72 -29.90 -10.04
C ALA A 123 -15.52 -30.70 -8.76
N GLU A 124 -16.58 -31.39 -8.30
CA GLU A 124 -16.44 -32.23 -7.10
C GLU A 124 -15.58 -33.45 -7.42
N PHE A 125 -15.72 -34.00 -8.64
CA PHE A 125 -14.85 -35.09 -9.07
C PHE A 125 -13.38 -34.67 -9.10
N LEU A 126 -13.10 -33.47 -9.61
CA LEU A 126 -11.72 -33.03 -9.67
C LEU A 126 -11.20 -32.70 -8.28
N ARG A 127 -12.07 -32.15 -7.43
CA ARG A 127 -11.69 -31.84 -6.05
C ARG A 127 -11.18 -33.07 -5.31
N THR A 128 -11.69 -34.24 -5.66
CA THR A 128 -11.34 -35.47 -4.97
C THR A 128 -10.39 -36.35 -5.78
N TRP A 129 -9.73 -35.78 -6.80
CA TRP A 129 -8.79 -36.49 -7.65
C TRP A 129 -7.43 -36.62 -6.97
N PRO A 130 -6.71 -37.73 -7.19
CA PRO A 130 -5.35 -37.86 -6.66
C PRO A 130 -4.46 -36.69 -7.06
N CYS A 131 -3.66 -36.22 -6.09
CA CYS A 131 -2.66 -35.16 -6.28
C CYS A 131 -3.26 -33.78 -6.50
N VAL A 132 -4.54 -33.60 -6.16
CA VAL A 132 -5.19 -32.30 -6.29
C VAL A 132 -4.62 -31.31 -5.29
N HIS A 133 -4.62 -30.03 -5.67
CA HIS A 133 -4.33 -28.91 -4.78
C HIS A 133 -5.55 -28.01 -4.73
N ARG A 134 -5.84 -27.47 -3.55
CA ARG A 134 -7.02 -26.64 -3.35
C ARG A 134 -6.65 -25.29 -2.77
N SER A 135 -7.20 -24.21 -3.34
CA SER A 135 -6.89 -22.88 -2.84
C SER A 135 -7.72 -22.58 -1.58
N ALA A 136 -7.22 -21.64 -0.77
CA ALA A 136 -7.69 -21.48 0.60
C ALA A 136 -8.92 -20.60 0.75
N ASN A 137 -9.28 -19.82 -0.25
CA ASN A 137 -10.44 -18.95 -0.12
C ASN A 137 -11.70 -19.78 -0.21
N PRO A 138 -12.54 -19.84 0.83
CA PRO A 138 -13.69 -20.76 0.77
C PRO A 138 -14.66 -20.48 -0.36
N GLU A 139 -15.16 -19.24 -0.45
CA GLU A 139 -16.19 -18.95 -1.44
C GLU A 139 -15.65 -19.07 -2.85
N ALA A 140 -14.37 -18.74 -3.07
CA ALA A 140 -13.76 -18.72 -4.40
C ALA A 140 -12.83 -19.89 -4.64
N SER A 141 -12.96 -20.98 -3.86
CA SER A 141 -11.93 -22.00 -3.82
C SER A 141 -11.77 -22.67 -5.18
N MET A 142 -10.51 -22.78 -5.64
CA MET A 142 -10.19 -23.44 -6.90
C MET A 142 -9.45 -24.75 -6.62
N VAL A 143 -9.68 -25.76 -7.46
CA VAL A 143 -8.98 -27.05 -7.36
C VAL A 143 -8.21 -27.28 -8.65
N ALA A 144 -7.01 -27.86 -8.54
CA ALA A 144 -6.15 -28.05 -9.70
C ALA A 144 -5.33 -29.33 -9.58
N VAL A 145 -5.09 -29.98 -10.72
CA VAL A 145 -4.23 -31.15 -10.82
C VAL A 145 -3.23 -30.91 -11.96
N GLY A 146 -1.96 -31.11 -11.69
CA GLY A 146 -0.98 -30.99 -12.75
C GLY A 146 0.23 -30.22 -12.31
N ARG A 147 1.09 -29.88 -13.30
N ARG A 147 1.06 -29.87 -13.31
CA ARG A 147 2.42 -29.37 -12.98
CA ARG A 147 2.40 -29.36 -13.06
C ARG A 147 2.38 -28.02 -12.28
C ARG A 147 2.37 -28.03 -12.31
N GLN A 148 1.42 -27.17 -12.64
CA GLN A 148 1.32 -25.85 -12.02
C GLN A 148 0.17 -25.76 -11.04
N ALA A 149 -0.30 -26.90 -10.54
CA ALA A 149 -1.46 -26.88 -9.63
C ALA A 149 -1.13 -26.17 -8.32
N ALA A 150 0.06 -26.43 -7.76
CA ALA A 150 0.44 -25.72 -6.54
C ALA A 150 0.63 -24.24 -6.79
N LEU A 151 1.28 -23.87 -7.90
CA LEU A 151 1.46 -22.46 -8.21
C LEU A 151 0.11 -21.74 -8.30
N LEU A 152 -0.83 -22.31 -9.06
CA LEU A 152 -2.10 -21.63 -9.29
C LEU A 152 -2.91 -21.45 -8.01
N THR A 153 -2.85 -22.41 -7.10
CA THR A 153 -3.72 -22.41 -5.92
C THR A 153 -3.08 -21.77 -4.69
N ALA A 154 -1.81 -21.37 -4.75
CA ALA A 154 -1.10 -20.88 -3.57
C ALA A 154 -1.54 -19.47 -3.19
N ASN A 155 -1.57 -19.21 -1.87
CA ASN A 155 -1.68 -17.83 -1.36
C ASN A 155 -2.92 -17.11 -1.89
N HIS A 156 -4.03 -17.82 -1.93
CA HIS A 156 -5.30 -17.25 -2.40
C HIS A 156 -5.89 -16.46 -1.25
N ALA A 157 -5.78 -15.14 -1.33
CA ALA A 157 -6.23 -14.30 -0.24
C ALA A 157 -7.75 -14.42 -0.02
N LEU A 158 -8.16 -14.23 1.23
CA LEU A 158 -9.58 -14.30 1.56
C LEU A 158 -10.35 -13.13 0.97
N ASP A 159 -9.80 -11.93 1.01
CA ASP A 159 -10.51 -10.77 0.50
C ASP A 159 -10.27 -10.66 -1.00
N TYR A 160 -11.30 -10.21 -1.72
CA TYR A 160 -11.21 -10.01 -3.18
C TYR A 160 -10.68 -11.26 -3.87
N GLY A 161 -11.43 -12.35 -3.69
CA GLY A 161 -11.02 -13.70 -4.10
C GLY A 161 -10.95 -13.93 -5.60
N TYR A 162 -11.43 -12.98 -6.41
CA TYR A 162 -11.30 -13.06 -7.86
C TYR A 162 -10.32 -12.03 -8.38
N GLY A 163 -9.52 -11.45 -7.48
CA GLY A 163 -8.70 -10.29 -7.79
C GLY A 163 -7.23 -10.60 -7.96
N VAL A 164 -6.37 -9.70 -7.44
CA VAL A 164 -4.95 -9.75 -7.74
C VAL A 164 -4.26 -10.97 -7.11
N GLU A 165 -4.79 -11.49 -6.00
CA GLU A 165 -4.16 -12.62 -5.30
C GLU A 165 -4.89 -13.93 -5.53
N SER A 166 -5.46 -14.13 -6.70
CA SER A 166 -6.34 -15.26 -6.97
C SER A 166 -5.74 -16.21 -8.00
N PRO A 167 -6.21 -17.45 -8.04
CA PRO A 167 -5.77 -18.37 -9.10
C PRO A 167 -6.11 -17.87 -10.49
N LEU A 168 -7.17 -17.05 -10.61
CA LEU A 168 -7.52 -16.49 -11.91
C LEU A 168 -6.46 -15.51 -12.40
N ALA A 169 -5.95 -14.66 -11.49
CA ALA A 169 -4.84 -13.78 -11.87
C ALA A 169 -3.64 -14.59 -12.32
N LYS A 170 -3.35 -15.69 -11.61
CA LYS A 170 -2.18 -16.48 -11.96
C LYS A 170 -2.38 -17.21 -13.28
N LEU A 171 -3.61 -17.66 -13.57
CA LEU A 171 -3.92 -18.27 -14.85
C LEU A 171 -3.68 -17.30 -16.01
N VAL A 172 -4.09 -16.04 -15.83
CA VAL A 172 -3.78 -15.02 -16.82
C VAL A 172 -2.27 -14.81 -16.92
N ALA A 173 -1.60 -14.76 -15.77
CA ALA A 173 -0.19 -14.40 -15.76
C ALA A 173 0.68 -15.46 -16.42
N ILE A 174 0.27 -16.73 -16.37
CA ILE A 174 1.05 -17.79 -17.02
C ILE A 174 0.48 -18.10 -18.41
N GLU A 175 -0.48 -17.29 -18.87
CA GLU A 175 -1.11 -17.46 -20.18
C GLU A 175 -1.74 -18.84 -20.36
N GLY A 176 -2.64 -19.13 -19.43
CA GLY A 176 -3.48 -20.31 -19.51
C GLY A 176 -4.67 -20.11 -20.43
N TYR A 177 -5.59 -21.08 -20.35
CA TYR A 177 -6.73 -21.18 -21.24
C TYR A 177 -7.97 -21.49 -20.43
N VAL A 178 -9.13 -21.22 -21.04
CA VAL A 178 -10.43 -21.58 -20.48
C VAL A 178 -11.14 -22.46 -21.49
N LEU A 179 -11.60 -23.63 -21.05
CA LEU A 179 -12.35 -24.55 -21.88
C LEU A 179 -13.80 -24.60 -21.41
N MET A 180 -14.73 -24.28 -22.30
CA MET A 180 -16.16 -24.39 -22.06
C MET A 180 -16.60 -25.71 -22.68
N LEU A 181 -17.01 -26.68 -21.87
CA LEU A 181 -17.39 -27.99 -22.37
C LEU A 181 -18.89 -28.16 -22.17
N GLY A 182 -19.68 -27.64 -23.11
CA GLY A 182 -21.11 -27.69 -22.95
C GLY A 182 -21.68 -26.78 -21.89
N ALA A 183 -20.85 -25.94 -21.27
CA ALA A 183 -21.24 -24.97 -20.24
C ALA A 183 -21.66 -23.66 -20.91
N PRO A 184 -22.72 -23.03 -20.39
CA PRO A 184 -23.12 -21.71 -20.93
C PRO A 184 -22.00 -20.68 -20.81
N LEU A 185 -21.91 -19.79 -21.79
CA LEU A 185 -20.85 -18.79 -21.76
C LEU A 185 -20.99 -17.83 -20.59
N ASP A 186 -22.18 -17.71 -20.01
CA ASP A 186 -22.38 -16.87 -18.83
C ASP A 186 -21.60 -17.37 -17.61
N THR A 187 -21.11 -18.61 -17.62
CA THR A 187 -20.51 -19.21 -16.43
C THR A 187 -18.99 -19.06 -16.37
N ILE A 188 -18.39 -18.22 -17.20
CA ILE A 188 -16.94 -18.06 -17.20
C ILE A 188 -16.51 -17.28 -15.96
N THR A 189 -16.01 -17.99 -14.94
CA THR A 189 -15.60 -17.37 -13.68
C THR A 189 -14.50 -16.33 -13.88
N LEU A 190 -13.62 -16.56 -14.87
CA LEU A 190 -12.55 -15.60 -15.17
C LEU A 190 -13.09 -14.18 -15.40
N LEU A 191 -14.31 -14.04 -15.89
CA LEU A 191 -14.84 -12.69 -16.10
C LEU A 191 -15.07 -11.93 -14.80
N HIS A 192 -15.16 -12.62 -13.65
CA HIS A 192 -15.14 -11.88 -12.39
C HIS A 192 -13.77 -11.25 -12.13
N HIS A 193 -12.70 -11.86 -12.65
CA HIS A 193 -11.40 -11.22 -12.56
C HIS A 193 -11.35 -10.01 -13.48
N ALA A 194 -12.01 -10.09 -14.63
CA ALA A 194 -12.10 -8.91 -15.49
C ALA A 194 -12.88 -7.79 -14.79
N GLU A 195 -13.97 -8.13 -14.10
CA GLU A 195 -14.69 -7.11 -13.34
C GLU A 195 -13.78 -6.46 -12.30
N TYR A 196 -12.98 -7.27 -11.61
CA TYR A 196 -12.07 -6.73 -10.60
C TYR A 196 -11.10 -5.74 -11.22
N LEU A 197 -10.54 -6.08 -12.39
CA LEU A 197 -9.51 -5.23 -13.01
C LEU A 197 -10.10 -3.97 -13.64
N ALA A 198 -11.34 -4.03 -14.12
CA ALA A 198 -11.90 -2.95 -14.92
C ALA A 198 -12.22 -1.75 -14.05
N LYS A 199 -11.81 -0.57 -14.52
CA LYS A 199 -12.12 0.70 -13.88
C LYS A 199 -13.52 1.10 -14.32
N MET A 200 -14.48 1.07 -13.40
CA MET A 200 -15.89 1.15 -13.75
C MET A 200 -16.57 2.21 -12.88
N ARG A 201 -17.62 2.84 -13.41
CA ARG A 201 -18.27 3.96 -12.72
C ARG A 201 -18.95 3.53 -11.43
N HIS A 202 -19.37 2.28 -11.32
CA HIS A 202 -20.02 1.79 -10.10
C HIS A 202 -19.58 0.37 -9.80
N LYS A 203 -19.21 0.13 -8.53
CA LYS A 203 -18.95 -1.23 -8.05
C LYS A 203 -19.67 -1.46 -6.73
N ASN A 204 -20.18 -2.67 -6.53
CA ASN A 204 -20.77 -3.09 -5.27
C ASN A 204 -19.73 -3.88 -4.49
N VAL A 205 -19.46 -3.43 -3.26
CA VAL A 205 -18.52 -4.11 -2.36
C VAL A 205 -19.31 -4.74 -1.23
N VAL A 206 -19.07 -6.02 -0.97
CA VAL A 206 -19.82 -6.75 0.06
C VAL A 206 -18.88 -7.24 1.15
N ARG A 207 -19.44 -7.41 2.34
CA ARG A 207 -18.75 -8.04 3.47
C ARG A 207 -19.66 -9.13 4.00
N TYR A 208 -19.13 -10.34 4.19
CA TYR A 208 -19.96 -11.45 4.62
C TYR A 208 -19.19 -12.35 5.57
N PRO A 209 -19.87 -13.09 6.42
CA PRO A 209 -19.20 -13.95 7.41
C PRO A 209 -18.86 -15.31 6.82
N CYS A 210 -17.79 -15.90 7.34
CA CYS A 210 -17.43 -17.27 6.94
C CYS A 210 -16.61 -17.93 8.05
N PRO A 211 -16.93 -19.18 8.42
CA PRO A 211 -16.09 -19.89 9.39
C PRO A 211 -14.94 -20.61 8.69
N ILE A 212 -13.73 -20.47 9.24
CA ILE A 212 -12.55 -21.07 8.65
C ILE A 212 -11.79 -21.79 9.76
N LEU A 213 -10.75 -22.52 9.36
CA LEU A 213 -9.83 -23.16 10.30
C LEU A 213 -8.59 -22.31 10.45
N ARG A 214 -8.24 -22.01 11.70
CA ARG A 214 -7.05 -21.22 12.03
CA ARG A 214 -7.03 -21.25 12.01
C ARG A 214 -6.38 -21.91 13.21
N ASP A 215 -5.15 -22.37 13.02
CA ASP A 215 -4.46 -23.13 14.06
C ASP A 215 -5.28 -24.36 14.47
N GLY A 216 -5.93 -24.98 13.49
CA GLY A 216 -6.78 -26.14 13.75
C GLY A 216 -8.08 -25.86 14.48
N ARG A 217 -8.45 -24.59 14.65
CA ARG A 217 -9.64 -24.19 15.38
C ARG A 217 -10.59 -23.45 14.45
N LYS A 218 -11.89 -23.64 14.68
CA LYS A 218 -12.89 -22.86 13.95
C LYS A 218 -12.88 -21.41 14.41
N VAL A 219 -12.78 -20.49 13.46
CA VAL A 219 -12.84 -19.06 13.73
C VAL A 219 -13.74 -18.44 12.67
N TRP A 220 -14.65 -17.57 13.09
CA TRP A 220 -15.47 -16.82 12.15
C TRP A 220 -14.72 -15.54 11.76
N VAL A 221 -14.64 -15.29 10.46
CA VAL A 221 -14.04 -14.07 9.91
C VAL A 221 -15.06 -13.39 9.01
N THR A 222 -14.80 -12.12 8.70
CA THR A 222 -15.57 -11.41 7.70
C THR A 222 -14.70 -11.28 6.46
N VAL A 223 -15.27 -11.64 5.32
CA VAL A 223 -14.61 -11.54 4.03
C VAL A 223 -15.17 -10.33 3.30
N GLU A 224 -14.28 -9.55 2.68
CA GLU A 224 -14.68 -8.45 1.82
C GLU A 224 -14.38 -8.83 0.38
N ASP A 225 -15.31 -8.51 -0.52
CA ASP A 225 -15.17 -8.88 -1.92
C ASP A 225 -16.05 -7.95 -2.75
N TYR A 226 -15.78 -7.91 -4.05
CA TYR A 226 -16.80 -7.39 -4.95
C TYR A 226 -17.95 -8.39 -4.99
N ASP A 227 -19.17 -7.87 -5.12
CA ASP A 227 -20.32 -8.74 -5.33
C ASP A 227 -20.08 -9.56 -6.59
N THR A 228 -20.23 -10.88 -6.50
CA THR A 228 -20.17 -11.74 -7.68
C THR A 228 -21.51 -12.41 -7.98
N GLY A 229 -22.56 -12.06 -7.23
CA GLY A 229 -23.87 -12.64 -7.42
C GLY A 229 -24.73 -11.85 -8.39
N ASP A 230 -24.33 -10.61 -8.68
CA ASP A 230 -25.01 -9.75 -9.64
C ASP A 230 -23.96 -8.89 -10.30
N PRO A 231 -24.15 -8.49 -11.56
CA PRO A 231 -23.21 -7.56 -12.20
C PRO A 231 -23.25 -6.19 -11.53
N HIS A 232 -22.15 -5.44 -11.73
CA HIS A 232 -22.01 -4.10 -11.17
C HIS A 232 -22.69 -3.04 -12.00
N ASP A 233 -23.16 -3.39 -13.19
CA ASP A 233 -23.79 -2.44 -14.08
C ASP A 233 -24.60 -3.25 -15.09
N ASP A 234 -24.99 -2.61 -16.19
CA ASP A 234 -25.97 -3.16 -17.13
C ASP A 234 -25.27 -4.06 -18.16
N TYR A 235 -24.90 -5.27 -17.72
CA TYR A 235 -24.23 -6.23 -18.60
C TYR A 235 -24.44 -7.64 -18.06
N SER A 236 -24.12 -8.62 -18.90
CA SER A 236 -24.01 -10.01 -18.49
C SER A 236 -22.73 -10.62 -19.07
N PHE A 237 -22.26 -11.69 -18.41
CA PHE A 237 -21.08 -12.38 -18.94
C PHE A 237 -21.38 -13.02 -20.29
N GLU A 238 -22.61 -13.52 -20.47
CA GLU A 238 -23.05 -14.05 -21.76
C GLU A 238 -22.81 -13.02 -22.88
N GLN A 239 -23.19 -11.77 -22.62
CA GLN A 239 -23.01 -10.71 -23.61
CA GLN A 239 -23.01 -10.71 -23.62
C GLN A 239 -21.54 -10.53 -23.96
N ILE A 240 -20.68 -10.46 -22.94
CA ILE A 240 -19.25 -10.24 -23.17
C ILE A 240 -18.65 -11.38 -23.98
N ALA A 241 -18.93 -12.62 -23.56
CA ALA A 241 -18.34 -13.78 -24.22
C ALA A 241 -18.86 -13.93 -25.65
N ARG A 242 -20.15 -13.69 -25.86
N ARG A 242 -20.16 -13.69 -25.86
CA ARG A 242 -20.70 -13.75 -27.21
CA ARG A 242 -20.71 -13.74 -27.20
C ARG A 242 -20.04 -12.71 -28.12
C ARG A 242 -20.04 -12.72 -28.11
N ASP A 243 -19.83 -11.49 -27.61
CA ASP A 243 -19.12 -10.48 -28.40
C ASP A 243 -17.69 -10.92 -28.67
N TYR A 244 -17.04 -11.56 -27.70
CA TYR A 244 -15.68 -12.05 -27.92
C TYR A 244 -15.64 -13.07 -29.06
N VAL A 245 -16.54 -14.04 -29.06
CA VAL A 245 -16.60 -15.04 -30.13
C VAL A 245 -16.90 -14.38 -31.46
N ALA A 246 -17.84 -13.42 -31.47
CA ALA A 246 -18.25 -12.79 -32.72
C ALA A 246 -17.09 -12.08 -33.42
N GLN A 247 -16.13 -11.55 -32.67
CA GLN A 247 -14.98 -10.87 -33.25
C GLN A 247 -13.79 -11.79 -33.46
N GLY A 248 -14.01 -13.10 -33.45
CA GLY A 248 -12.97 -14.06 -33.77
C GLY A 248 -12.24 -14.65 -32.58
N GLY A 249 -12.73 -14.43 -31.36
CA GLY A 249 -12.03 -14.91 -30.18
C GLY A 249 -12.22 -16.40 -30.00
N GLY A 250 -11.11 -17.10 -29.75
CA GLY A 250 -11.15 -18.50 -29.36
C GLY A 250 -11.36 -19.44 -30.53
N THR A 251 -11.47 -20.73 -30.18
CA THR A 251 -11.79 -21.76 -31.15
C THR A 251 -13.03 -22.51 -30.67
N ARG A 252 -13.72 -23.15 -31.59
CA ARG A 252 -14.97 -23.84 -31.27
C ARG A 252 -14.97 -25.21 -31.93
N GLY A 253 -15.59 -26.18 -31.26
CA GLY A 253 -15.69 -27.51 -31.83
C GLY A 253 -16.55 -28.40 -30.96
N LYS A 254 -16.74 -29.63 -31.41
CA LYS A 254 -17.55 -30.60 -30.68
C LYS A 254 -16.63 -31.51 -29.88
N VAL A 255 -17.03 -31.79 -28.64
CA VAL A 255 -16.39 -32.79 -27.81
C VAL A 255 -17.53 -33.67 -27.29
N GLY A 256 -17.56 -34.93 -27.72
CA GLY A 256 -18.74 -35.71 -27.47
C GLY A 256 -19.93 -35.07 -28.15
N ASP A 257 -21.04 -34.94 -27.42
CA ASP A 257 -22.23 -34.25 -27.91
C ASP A 257 -22.23 -32.76 -27.63
N ALA A 258 -21.19 -32.23 -27.01
CA ALA A 258 -21.21 -30.87 -26.47
C ALA A 258 -20.54 -29.87 -27.41
N ASP A 259 -21.15 -28.69 -27.53
CA ASP A 259 -20.44 -27.53 -28.09
C ASP A 259 -19.34 -27.10 -27.14
N ALA A 260 -18.12 -26.99 -27.66
CA ALA A 260 -16.97 -26.62 -26.85
C ALA A 260 -16.33 -25.35 -27.38
N TYR A 261 -15.81 -24.55 -26.47
CA TYR A 261 -15.11 -23.31 -26.78
C TYR A 261 -13.79 -23.31 -26.02
N LEU A 262 -12.71 -22.90 -26.68
CA LEU A 262 -11.39 -22.80 -26.06
C LEU A 262 -10.90 -21.36 -26.20
N PHE A 263 -10.64 -20.71 -25.07
CA PHE A 263 -10.25 -19.30 -25.04
C PHE A 263 -8.89 -19.14 -24.37
N ALA A 264 -8.06 -18.23 -24.89
CA ALA A 264 -6.84 -17.85 -24.19
C ALA A 264 -7.22 -16.90 -23.06
N ALA A 265 -6.78 -17.22 -21.84
CA ALA A 265 -7.19 -16.44 -20.67
C ALA A 265 -6.70 -14.99 -20.74
N GLN A 266 -5.49 -14.78 -21.26
CA GLN A 266 -4.98 -13.41 -21.34
C GLN A 266 -5.78 -12.59 -22.34
N ASP A 267 -6.01 -13.14 -23.53
CA ASP A 267 -6.73 -12.37 -24.56
C ASP A 267 -8.17 -12.12 -24.15
N LEU A 268 -8.83 -13.12 -23.56
CA LEU A 268 -10.21 -12.94 -23.14
C LEU A 268 -10.30 -11.91 -22.01
N THR A 269 -9.35 -11.94 -21.07
CA THR A 269 -9.37 -10.96 -19.99
C THR A 269 -9.17 -9.55 -20.54
N ARG A 270 -8.18 -9.39 -21.42
CA ARG A 270 -7.94 -8.07 -22.04
C ARG A 270 -9.19 -7.58 -22.73
N PHE A 271 -9.82 -8.44 -23.54
CA PHE A 271 -11.03 -8.07 -24.25
C PHE A 271 -12.14 -7.66 -23.28
N ALA A 272 -12.35 -8.46 -22.24
CA ALA A 272 -13.45 -8.20 -21.32
C ALA A 272 -13.22 -6.92 -20.53
N VAL A 273 -11.98 -6.64 -20.12
CA VAL A 273 -11.71 -5.39 -19.41
C VAL A 273 -12.01 -4.20 -20.32
N GLN A 274 -11.54 -4.27 -21.57
CA GLN A 274 -11.81 -3.19 -22.52
CA GLN A 274 -11.81 -3.21 -22.55
C GLN A 274 -13.30 -3.06 -22.79
N TRP A 275 -14.01 -4.19 -22.89
CA TRP A 275 -15.45 -4.18 -23.11
C TRP A 275 -16.18 -3.45 -21.97
N LEU A 276 -15.82 -3.78 -20.73
CA LEU A 276 -16.44 -3.14 -19.57
C LEU A 276 -16.07 -1.66 -19.49
N GLU A 277 -14.80 -1.33 -19.72
CA GLU A 277 -14.35 0.05 -19.59
C GLU A 277 -14.89 0.94 -20.71
N SER A 278 -15.08 0.39 -21.91
CA SER A 278 -15.63 1.21 -22.98
C SER A 278 -17.09 1.59 -22.69
N ARG A 279 -17.82 0.74 -21.97
CA ARG A 279 -19.22 1.02 -21.69
C ARG A 279 -19.43 1.71 -20.34
N PHE A 280 -18.64 1.35 -19.33
CA PHE A 280 -18.84 1.82 -17.97
C PHE A 280 -17.61 2.47 -17.35
N GLY A 281 -16.56 2.73 -18.13
CA GLY A 281 -15.27 3.12 -17.60
C GLY A 281 -15.01 4.61 -17.63
N ASP A 282 -13.73 4.96 -17.44
CA ASP A 282 -13.34 6.33 -17.11
C ASP A 282 -13.44 7.25 -18.31
N SER A 283 -14.25 8.30 -18.20
CA SER A 283 -14.40 9.24 -19.30
C SER A 283 -13.32 10.31 -19.33
N ALA A 284 -12.57 10.48 -18.24
CA ALA A 284 -11.52 11.48 -18.19
C ALA A 284 -10.44 11.20 -19.24
N ILE B 22 -35.85 43.39 15.29
CA ILE B 22 -34.56 44.01 15.59
C ILE B 22 -33.42 43.04 15.26
N PRO B 23 -32.49 43.47 14.41
CA PRO B 23 -31.43 42.55 13.96
C PRO B 23 -30.49 42.17 15.10
N HIS B 24 -30.09 40.91 15.10
CA HIS B 24 -29.16 40.41 16.11
C HIS B 24 -27.80 41.06 15.95
N THR B 25 -27.21 41.45 17.07
CA THR B 25 -25.92 42.13 17.05
C THR B 25 -24.79 41.12 17.16
N HIS B 26 -23.62 41.56 16.70
CA HIS B 26 -22.39 40.80 16.89
C HIS B 26 -22.25 40.35 18.34
N ALA B 27 -22.40 41.26 19.29
CA ALA B 27 -22.18 40.92 20.70
C ALA B 27 -23.18 39.86 21.15
N HIS B 28 -24.43 39.97 20.70
N HIS B 28 -24.44 40.02 20.72
CA HIS B 28 -25.41 39.01 21.16
CA HIS B 28 -25.49 39.05 21.05
C HIS B 28 -25.21 37.63 20.53
C HIS B 28 -25.10 37.66 20.57
N LEU B 29 -24.62 37.56 19.32
CA LEU B 29 -24.28 36.27 18.76
C LEU B 29 -23.09 35.67 19.48
N VAL B 30 -22.06 36.48 19.79
CA VAL B 30 -20.93 35.99 20.55
C VAL B 30 -21.41 35.42 21.89
N ASP B 31 -22.31 36.13 22.58
CA ASP B 31 -22.81 35.65 23.86
C ASP B 31 -23.54 34.32 23.69
N ALA B 32 -24.36 34.21 22.64
CA ALA B 32 -25.13 32.98 22.43
C ALA B 32 -24.21 31.81 22.10
N PHE B 33 -23.19 32.04 21.27
CA PHE B 33 -22.24 30.97 20.97
C PHE B 33 -21.54 30.49 22.23
N GLN B 34 -21.14 31.44 23.08
CA GLN B 34 -20.46 31.06 24.31
C GLN B 34 -21.40 30.29 25.23
N ALA B 35 -22.66 30.71 25.31
CA ALA B 35 -23.61 30.00 26.17
C ALA B 35 -23.84 28.57 25.68
N LEU B 36 -23.76 28.35 24.37
CA LEU B 36 -23.92 27.02 23.82
C LEU B 36 -22.74 26.12 24.17
N GLY B 37 -21.57 26.69 24.44
CA GLY B 37 -20.42 25.87 24.72
C GLY B 37 -19.21 26.09 23.81
N ILE B 38 -19.28 27.07 22.90
CA ILE B 38 -18.11 27.40 22.09
C ILE B 38 -17.06 28.05 22.99
N ARG B 39 -15.81 27.60 22.85
CA ARG B 39 -14.72 28.05 23.70
C ARG B 39 -13.52 28.45 22.87
N ALA B 40 -12.70 29.36 23.41
CA ALA B 40 -11.48 29.79 22.76
C ALA B 40 -10.61 28.59 22.39
N GLY B 41 -10.09 28.59 21.16
CA GLY B 41 -9.14 27.59 20.74
C GLY B 41 -9.74 26.34 20.16
N GLN B 42 -11.06 26.20 20.15
CA GLN B 42 -11.65 25.01 19.56
C GLN B 42 -11.48 25.02 18.05
N ALA B 43 -11.49 23.82 17.47
CA ALA B 43 -11.63 23.65 16.04
C ALA B 43 -13.07 23.20 15.76
N LEU B 44 -13.75 23.93 14.88
CA LEU B 44 -15.20 23.83 14.75
C LEU B 44 -15.59 23.78 13.28
N MET B 45 -16.44 22.81 12.93
CA MET B 45 -17.01 22.76 11.59
C MET B 45 -18.45 23.22 11.70
N LEU B 46 -18.87 24.14 10.81
CA LEU B 46 -20.18 24.77 10.89
C LEU B 46 -21.09 24.31 9.76
N HIS B 47 -22.33 23.99 10.10
CA HIS B 47 -23.43 23.83 9.14
C HIS B 47 -24.50 24.83 9.53
N ALA B 48 -24.99 25.61 8.56
CA ALA B 48 -25.83 26.72 8.95
C ALA B 48 -26.95 26.97 7.95
N SER B 49 -28.00 27.64 8.44
CA SER B 49 -29.01 28.28 7.60
C SER B 49 -29.08 29.74 8.01
N VAL B 50 -28.76 30.63 7.08
CA VAL B 50 -28.83 32.06 7.37
C VAL B 50 -30.26 32.48 7.70
N LYS B 51 -31.24 31.94 6.96
CA LYS B 51 -32.63 32.33 7.22
C LYS B 51 -33.06 31.93 8.62
N ALA B 52 -32.57 30.78 9.11
CA ALA B 52 -32.98 30.30 10.42
C ALA B 52 -32.46 31.20 11.54
N VAL B 53 -31.28 31.80 11.36
CA VAL B 53 -30.73 32.70 12.38
C VAL B 53 -31.58 33.97 12.51
N GLY B 54 -32.20 34.41 11.42
CA GLY B 54 -32.92 35.66 11.40
C GLY B 54 -32.00 36.82 11.09
N ALA B 55 -32.60 37.99 10.93
CA ALA B 55 -31.85 39.18 10.51
C ALA B 55 -30.71 39.48 11.47
N VAL B 56 -29.52 39.69 10.93
CA VAL B 56 -28.32 40.01 11.69
C VAL B 56 -27.86 41.40 11.29
N MET B 57 -27.45 42.20 12.27
CA MET B 57 -27.03 43.59 12.02
C MET B 57 -25.66 43.58 11.35
N GLY B 58 -25.64 43.77 10.02
CA GLY B 58 -24.42 43.63 9.24
C GLY B 58 -24.42 42.41 8.33
N GLY B 59 -25.45 41.57 8.40
CA GLY B 59 -25.57 40.45 7.49
C GLY B 59 -24.75 39.24 7.88
N PRO B 60 -24.70 38.25 6.98
CA PRO B 60 -24.07 36.97 7.34
C PRO B 60 -22.59 37.07 7.68
N ASN B 61 -21.87 38.10 7.20
CA ASN B 61 -20.49 38.28 7.63
C ASN B 61 -20.38 38.33 9.15
N VAL B 62 -21.39 38.90 9.81
CA VAL B 62 -21.33 39.06 11.27
C VAL B 62 -21.54 37.73 11.98
N ILE B 63 -22.31 36.81 11.38
CA ILE B 63 -22.37 35.44 11.92
C ILE B 63 -20.97 34.85 11.99
N LEU B 64 -20.23 34.94 10.88
CA LEU B 64 -18.90 34.35 10.84
C LEU B 64 -17.95 35.09 11.79
N GLN B 65 -18.01 36.43 11.82
CA GLN B 65 -17.09 37.16 12.69
C GLN B 65 -17.40 36.90 14.16
N ALA B 66 -18.68 36.81 14.51
CA ALA B 66 -19.02 36.51 15.90
C ALA B 66 -18.51 35.13 16.29
N LEU B 67 -18.69 34.14 15.41
CA LEU B 67 -18.18 32.81 15.71
C LEU B 67 -16.66 32.80 15.82
N MET B 68 -15.97 33.49 14.90
CA MET B 68 -14.51 33.57 14.96
CA MET B 68 -14.52 33.50 15.00
C MET B 68 -14.04 34.29 16.21
N ASP B 69 -14.83 35.26 16.70
CA ASP B 69 -14.43 35.96 17.91
C ASP B 69 -14.58 35.08 19.13
N ALA B 70 -15.63 34.24 19.14
CA ALA B 70 -15.79 33.30 20.24
C ALA B 70 -14.68 32.23 20.22
N LEU B 71 -14.26 31.80 19.03
CA LEU B 71 -13.16 30.84 18.92
C LEU B 71 -11.80 31.48 19.15
N THR B 72 -11.68 32.82 18.98
CA THR B 72 -10.44 33.57 18.98
C THR B 72 -9.53 33.17 17.83
N PRO B 73 -8.47 33.94 17.54
CA PRO B 73 -7.53 33.52 16.48
C PRO B 73 -6.85 32.19 16.78
N ASP B 74 -6.86 31.73 18.03
N ASP B 74 -6.86 31.72 18.02
CA ASP B 74 -6.31 30.42 18.37
CA ASP B 74 -6.27 30.42 18.31
C ASP B 74 -7.22 29.28 17.95
C ASP B 74 -7.25 29.26 18.04
N GLY B 75 -8.51 29.57 17.73
CA GLY B 75 -9.45 28.57 17.25
C GLY B 75 -9.51 28.55 15.73
N THR B 76 -10.30 27.61 15.20
CA THR B 76 -10.40 27.40 13.76
C THR B 76 -11.85 27.13 13.40
N LEU B 77 -12.30 27.73 12.29
CA LEU B 77 -13.66 27.55 11.77
C LEU B 77 -13.55 26.94 10.39
N MET B 78 -14.27 25.82 10.17
CA MET B 78 -14.19 25.14 8.88
C MET B 78 -15.60 24.88 8.35
N MET B 79 -15.77 24.94 7.03
CA MET B 79 -17.03 24.54 6.40
C MET B 79 -16.75 23.72 5.14
N TYR B 80 -17.74 22.91 4.77
CA TYR B 80 -17.72 22.14 3.52
C TYR B 80 -18.15 23.07 2.38
N ALA B 81 -17.21 23.39 1.49
CA ALA B 81 -17.51 24.24 0.34
C ALA B 81 -17.85 23.42 -0.90
N GLY B 82 -17.07 22.38 -1.20
CA GLY B 82 -17.29 21.64 -2.43
C GLY B 82 -17.06 22.53 -3.64
N TRP B 83 -17.73 22.18 -4.75
CA TRP B 83 -17.62 22.96 -5.98
C TRP B 83 -18.99 22.95 -6.65
N GLN B 84 -19.63 24.13 -6.68
CA GLN B 84 -20.99 24.24 -7.21
C GLN B 84 -21.08 23.72 -8.63
N ASP B 85 -20.01 23.89 -9.41
CA ASP B 85 -20.05 23.59 -10.84
C ASP B 85 -19.28 22.34 -11.21
N ILE B 86 -19.07 21.43 -10.27
CA ILE B 86 -18.27 20.24 -10.61
C ILE B 86 -19.01 19.41 -11.65
N PRO B 87 -18.38 19.04 -12.77
CA PRO B 87 -19.05 18.27 -13.82
C PRO B 87 -18.95 16.78 -13.57
N ASP B 88 -19.25 16.35 -12.35
CA ASP B 88 -19.08 14.96 -11.97
C ASP B 88 -20.23 14.08 -12.47
N PHE B 89 -21.19 14.66 -13.18
CA PHE B 89 -22.37 13.98 -13.67
C PHE B 89 -22.30 13.64 -15.16
N ILE B 90 -21.19 13.95 -15.84
CA ILE B 90 -21.21 13.94 -17.29
C ILE B 90 -21.30 12.55 -17.89
N ASP B 91 -20.99 11.50 -17.13
CA ASP B 91 -21.11 10.14 -17.67
C ASP B 91 -22.55 9.81 -18.04
N SER B 92 -23.52 10.46 -17.41
CA SER B 92 -24.92 10.19 -17.68
C SER B 92 -25.47 10.97 -18.87
N LEU B 93 -24.67 11.81 -19.51
CA LEU B 93 -25.13 12.60 -20.65
C LEU B 93 -24.84 11.89 -21.97
N PRO B 94 -25.53 12.27 -23.04
CA PRO B 94 -25.20 11.73 -24.36
C PRO B 94 -23.76 12.02 -24.74
N ASP B 95 -23.24 11.22 -25.68
CA ASP B 95 -21.83 11.30 -26.06
C ASP B 95 -21.48 12.67 -26.61
N ALA B 96 -22.38 13.29 -27.38
CA ALA B 96 -22.07 14.57 -28.01
C ALA B 96 -21.99 15.69 -26.98
N LEU B 97 -22.92 15.69 -26.02
CA LEU B 97 -22.85 16.68 -24.95
C LEU B 97 -21.66 16.44 -24.05
N LYS B 98 -21.40 15.18 -23.67
CA LYS B 98 -20.24 14.87 -22.85
C LYS B 98 -18.96 15.37 -23.52
N ALA B 99 -18.87 15.24 -24.84
CA ALA B 99 -17.72 15.73 -25.58
C ALA B 99 -17.50 17.24 -25.39
N VAL B 100 -18.58 18.02 -25.45
CA VAL B 100 -18.45 19.46 -25.23
C VAL B 100 -17.94 19.74 -23.83
N TYR B 101 -18.45 19.01 -22.83
CA TYR B 101 -17.98 19.21 -21.45
C TYR B 101 -16.49 18.94 -21.34
N LEU B 102 -16.04 17.82 -21.91
CA LEU B 102 -14.62 17.46 -21.82
C LEU B 102 -13.75 18.54 -22.46
N GLU B 103 -14.24 19.20 -23.51
CA GLU B 103 -13.46 20.21 -24.21
C GLU B 103 -13.54 21.58 -23.53
N GLN B 104 -14.71 21.96 -22.99
CA GLN B 104 -14.96 23.36 -22.66
C GLN B 104 -15.20 23.61 -21.17
N HIS B 105 -15.48 22.60 -20.38
CA HIS B 105 -15.74 22.89 -18.98
C HIS B 105 -14.46 23.33 -18.27
N PRO B 106 -14.50 24.38 -17.46
CA PRO B 106 -13.30 24.85 -16.78
C PRO B 106 -12.85 23.87 -15.70
N PRO B 107 -11.57 23.89 -15.33
CA PRO B 107 -11.10 23.04 -14.24
C PRO B 107 -11.42 23.63 -12.87
N PHE B 108 -11.32 22.78 -11.86
CA PHE B 108 -11.39 23.24 -10.48
C PHE B 108 -10.16 24.11 -10.22
N ASP B 109 -10.39 25.40 -10.01
CA ASP B 109 -9.34 26.31 -9.59
C ASP B 109 -9.70 26.72 -8.17
N PRO B 110 -8.91 26.34 -7.17
CA PRO B 110 -9.32 26.61 -5.78
C PRO B 110 -9.45 28.09 -5.49
N ALA B 111 -8.85 28.96 -6.30
CA ALA B 111 -8.98 30.40 -6.04
C ALA B 111 -10.36 30.93 -6.39
N THR B 112 -11.07 30.31 -7.35
CA THR B 112 -12.35 30.84 -7.81
C THR B 112 -13.51 29.87 -7.76
N ALA B 113 -13.27 28.55 -7.64
CA ALA B 113 -14.38 27.59 -7.69
C ALA B 113 -15.39 27.91 -6.60
N ARG B 114 -16.64 28.18 -7.00
CA ARG B 114 -17.65 28.63 -6.05
C ARG B 114 -18.13 27.47 -5.20
N ALA B 115 -18.49 27.78 -3.95
CA ALA B 115 -19.00 26.75 -3.06
C ALA B 115 -20.40 26.31 -3.48
N VAL B 116 -20.72 25.05 -3.18
CA VAL B 116 -22.05 24.53 -3.46
C VAL B 116 -23.11 25.39 -2.78
N ARG B 117 -24.10 25.84 -3.56
CA ARG B 117 -25.08 26.77 -3.01
C ARG B 117 -25.87 26.13 -1.88
N GLU B 118 -26.24 24.86 -2.03
CA GLU B 118 -26.96 24.13 -0.98
C GLU B 118 -26.15 23.89 0.27
N ASN B 119 -24.86 24.25 0.31
CA ASN B 119 -24.06 24.15 1.52
C ASN B 119 -24.15 25.41 2.37
N SER B 120 -25.07 26.32 2.02
CA SER B 120 -25.31 27.65 2.59
C SER B 120 -24.42 28.70 1.95
N VAL B 121 -24.98 29.89 1.73
CA VAL B 121 -24.17 31.02 1.30
C VAL B 121 -23.03 31.28 2.29
N LEU B 122 -23.20 30.89 3.56
CA LEU B 122 -22.12 31.08 4.53
C LEU B 122 -20.85 30.34 4.11
N ALA B 123 -20.96 29.18 3.45
CA ALA B 123 -19.77 28.48 2.98
C ALA B 123 -19.03 29.31 1.93
N GLU B 124 -19.78 29.95 1.02
CA GLU B 124 -19.15 30.80 0.02
C GLU B 124 -18.55 32.05 0.67
N PHE B 125 -19.22 32.60 1.69
CA PHE B 125 -18.65 33.73 2.43
C PHE B 125 -17.36 33.33 3.14
N LEU B 126 -17.31 32.13 3.73
CA LEU B 126 -16.08 31.71 4.40
C LEU B 126 -14.99 31.42 3.39
N ARG B 127 -15.37 30.85 2.24
CA ARG B 127 -14.38 30.53 1.20
C ARG B 127 -13.66 31.77 0.72
N THR B 128 -14.31 32.93 0.82
CA THR B 128 -13.73 34.18 0.35
C THR B 128 -13.28 35.10 1.49
N TRP B 129 -13.09 34.54 2.68
CA TRP B 129 -12.65 35.30 3.86
C TRP B 129 -11.14 35.48 3.84
N PRO B 130 -10.65 36.61 4.36
CA PRO B 130 -9.19 36.79 4.49
C PRO B 130 -8.54 35.65 5.26
N CYS B 131 -7.38 35.21 4.76
CA CYS B 131 -6.54 34.18 5.38
C CYS B 131 -7.18 32.80 5.35
N VAL B 132 -8.15 32.57 4.46
CA VAL B 132 -8.76 31.25 4.31
C VAL B 132 -7.76 30.28 3.69
N HIS B 133 -7.89 29.01 4.06
CA HIS B 133 -7.18 27.90 3.43
C HIS B 133 -8.20 26.93 2.87
N ARG B 134 -7.94 26.38 1.68
CA ARG B 134 -8.90 25.51 1.02
C ARG B 134 -8.25 24.18 0.67
N SER B 135 -8.95 23.08 0.95
CA SER B 135 -8.40 21.77 0.64
C SER B 135 -8.56 21.45 -0.85
N ALA B 136 -7.73 20.52 -1.33
CA ALA B 136 -7.53 20.35 -2.76
C ALA B 136 -8.54 19.43 -3.45
N ASN B 137 -9.28 18.63 -2.69
CA ASN B 137 -10.25 17.72 -3.31
C ASN B 137 -11.45 18.52 -3.81
N PRO B 138 -11.73 18.57 -5.12
CA PRO B 138 -12.81 19.46 -5.59
C PRO B 138 -14.18 19.14 -5.01
N GLU B 139 -14.62 17.88 -5.12
CA GLU B 139 -15.98 17.55 -4.71
C GLU B 139 -16.15 17.67 -3.20
N ALA B 140 -15.10 17.38 -2.43
CA ALA B 140 -15.16 17.39 -0.98
C ALA B 140 -14.46 18.60 -0.37
N SER B 141 -14.26 19.66 -1.14
CA SER B 141 -13.36 20.72 -0.71
C SER B 141 -13.84 21.40 0.57
N MET B 142 -12.93 21.55 1.52
CA MET B 142 -13.22 22.26 2.77
C MET B 142 -12.45 23.57 2.85
N VAL B 143 -13.05 24.57 3.50
CA VAL B 143 -12.43 25.88 3.68
C VAL B 143 -12.34 26.15 5.17
N ALA B 144 -11.25 26.77 5.60
CA ALA B 144 -11.03 26.99 7.04
C ALA B 144 -10.27 28.29 7.27
N VAL B 145 -10.58 28.93 8.40
CA VAL B 145 -9.89 30.14 8.84
C VAL B 145 -9.52 29.94 10.29
N GLY B 146 -8.27 30.21 10.63
CA GLY B 146 -7.84 30.12 12.01
C GLY B 146 -6.55 29.36 12.17
N ARG B 147 -6.22 29.07 13.43
CA ARG B 147 -4.90 28.56 13.79
CA ARG B 147 -4.89 28.58 13.78
C ARG B 147 -4.59 27.24 13.11
N GLN B 148 -5.56 26.34 13.03
CA GLN B 148 -5.37 25.03 12.45
C GLN B 148 -5.93 24.91 11.03
N ALA B 149 -6.14 26.05 10.36
CA ALA B 149 -6.75 26.01 9.04
C ALA B 149 -5.87 25.30 8.02
N ALA B 150 -4.57 25.60 8.01
CA ALA B 150 -3.68 24.91 7.08
C ALA B 150 -3.56 23.43 7.43
N LEU B 151 -3.46 23.11 8.72
CA LEU B 151 -3.37 21.71 9.12
C LEU B 151 -4.60 20.93 8.69
N LEU B 152 -5.79 21.48 8.91
CA LEU B 152 -7.00 20.73 8.58
C LEU B 152 -7.14 20.50 7.08
N THR B 153 -6.71 21.45 6.26
CA THR B 153 -6.95 21.39 4.83
C THR B 153 -5.79 20.77 4.04
N ALA B 154 -4.69 20.40 4.68
CA ALA B 154 -3.52 19.92 3.97
C ALA B 154 -3.69 18.51 3.47
N ASN B 155 -3.11 18.25 2.29
CA ASN B 155 -2.95 16.89 1.80
C ASN B 155 -4.28 16.14 1.71
N HIS B 156 -5.31 16.84 1.24
CA HIS B 156 -6.63 16.23 1.08
C HIS B 156 -6.62 15.38 -0.20
N ALA B 157 -6.60 14.07 -0.04
CA ALA B 157 -6.47 13.18 -1.18
C ALA B 157 -7.70 13.27 -2.07
N LEU B 158 -7.48 13.09 -3.37
CA LEU B 158 -8.57 13.14 -4.34
C LEU B 158 -9.51 11.95 -4.20
N ASP B 159 -8.96 10.76 -3.96
CA ASP B 159 -9.80 9.58 -3.79
C ASP B 159 -10.27 9.46 -2.34
N TYR B 160 -11.50 9.01 -2.16
CA TYR B 160 -12.06 8.79 -0.81
C TYR B 160 -11.96 10.06 0.03
N GLY B 161 -12.60 11.10 -0.49
CA GLY B 161 -12.49 12.47 0.03
C GLY B 161 -13.06 12.69 1.42
N TYR B 162 -13.81 11.72 1.95
CA TYR B 162 -14.35 11.80 3.30
C TYR B 162 -13.68 10.79 4.23
N GLY B 163 -12.56 10.23 3.80
CA GLY B 163 -11.92 9.10 4.47
C GLY B 163 -10.72 9.51 5.31
N VAL B 164 -9.69 8.64 5.32
CA VAL B 164 -8.56 8.79 6.24
C VAL B 164 -7.70 10.00 5.92
N GLU B 165 -7.63 10.42 4.65
CA GLU B 165 -6.82 11.55 4.22
C GLU B 165 -7.64 12.81 4.04
N SER B 166 -8.57 13.10 4.94
CA SER B 166 -9.51 14.19 4.71
C SER B 166 -9.48 15.15 5.89
N PRO B 167 -10.00 16.37 5.69
CA PRO B 167 -10.13 17.30 6.83
C PRO B 167 -11.06 16.79 7.93
N LEU B 168 -12.03 15.94 7.57
CA LEU B 168 -12.92 15.36 8.58
C LEU B 168 -12.16 14.42 9.50
N ALA B 169 -11.30 13.58 8.94
CA ALA B 169 -10.45 12.73 9.79
C ALA B 169 -9.59 13.58 10.72
N LYS B 170 -9.05 14.69 10.20
CA LYS B 170 -8.20 15.54 11.03
C LYS B 170 -9.03 16.24 12.12
N LEU B 171 -10.26 16.66 11.79
CA LEU B 171 -11.12 17.27 12.81
C LEU B 171 -11.35 16.30 13.96
N VAL B 172 -11.57 15.03 13.63
CA VAL B 172 -11.73 14.03 14.69
C VAL B 172 -10.44 13.88 15.48
N ALA B 173 -9.31 13.82 14.78
CA ALA B 173 -8.04 13.54 15.44
C ALA B 173 -7.60 14.66 16.38
N ILE B 174 -7.96 15.92 16.07
CA ILE B 174 -7.59 17.02 16.94
C ILE B 174 -8.71 17.36 17.92
N GLU B 175 -9.73 16.50 18.02
CA GLU B 175 -10.81 16.64 18.99
C GLU B 175 -11.60 17.94 18.78
N GLY B 176 -12.00 18.14 17.52
CA GLY B 176 -12.82 19.28 17.14
C GLY B 176 -14.30 19.03 17.39
N TYR B 177 -15.11 19.98 16.91
CA TYR B 177 -16.54 20.03 17.17
C TYR B 177 -17.29 20.31 15.88
N VAL B 178 -18.59 19.99 15.89
CA VAL B 178 -19.51 20.32 14.82
C VAL B 178 -20.62 21.19 15.41
N LEU B 179 -20.87 22.34 14.79
CA LEU B 179 -21.94 23.25 15.21
C LEU B 179 -23.01 23.26 14.13
N MET B 180 -24.24 22.93 14.51
CA MET B 180 -25.40 23.05 13.63
C MET B 180 -26.13 24.32 14.01
N LEU B 181 -26.21 25.27 13.08
CA LEU B 181 -26.81 26.57 13.34
C LEU B 181 -28.05 26.68 12.47
N GLY B 182 -29.16 26.10 12.94
CA GLY B 182 -30.38 26.09 12.16
C GLY B 182 -30.36 25.20 10.94
N ALA B 183 -29.36 24.33 10.82
CA ALA B 183 -29.21 23.39 9.70
C ALA B 183 -29.84 22.06 10.08
N PRO B 184 -30.46 21.36 9.12
CA PRO B 184 -31.04 20.04 9.43
C PRO B 184 -29.96 19.06 9.86
N LEU B 185 -30.34 18.16 10.78
CA LEU B 185 -29.37 17.18 11.26
C LEU B 185 -28.89 16.25 10.16
N ASP B 186 -29.68 16.10 9.10
CA ASP B 186 -29.29 15.28 7.96
C ASP B 186 -28.07 15.82 7.22
N THR B 187 -27.66 17.06 7.47
CA THR B 187 -26.59 17.69 6.69
C THR B 187 -25.20 17.58 7.31
N ILE B 188 -25.01 16.76 8.35
CA ILE B 188 -23.71 16.63 9.00
C ILE B 188 -22.74 15.86 8.09
N THR B 189 -21.86 16.59 7.40
CA THR B 189 -20.91 15.96 6.47
C THR B 189 -20.00 14.97 7.17
N LEU B 190 -19.69 15.20 8.44
CA LEU B 190 -18.86 14.28 9.21
C LEU B 190 -19.41 12.85 9.18
N LEU B 191 -20.72 12.69 9.04
CA LEU B 191 -21.26 11.32 8.98
C LEU B 191 -20.85 10.56 7.72
N HIS B 192 -20.41 11.25 6.65
CA HIS B 192 -19.81 10.51 5.55
C HIS B 192 -18.46 9.92 5.93
N HIS B 193 -17.76 10.55 6.89
CA HIS B 193 -16.55 9.97 7.42
C HIS B 193 -16.88 8.73 8.25
N ALA B 194 -17.97 8.79 9.00
CA ALA B 194 -18.43 7.59 9.71
C ALA B 194 -18.76 6.46 8.75
N GLU B 195 -19.43 6.77 7.63
CA GLU B 195 -19.68 5.74 6.62
C GLU B 195 -18.38 5.12 6.13
N TYR B 196 -17.39 5.96 5.85
CA TYR B 196 -16.09 5.45 5.38
C TYR B 196 -15.48 4.50 6.39
N LEU B 197 -15.54 4.85 7.67
CA LEU B 197 -14.91 4.05 8.72
C LEU B 197 -15.66 2.76 8.99
N ALA B 198 -16.98 2.78 8.87
CA ALA B 198 -17.80 1.66 9.34
C ALA B 198 -17.68 0.45 8.42
N LYS B 199 -17.54 -0.73 9.02
CA LYS B 199 -17.49 -1.98 8.29
C LYS B 199 -18.93 -2.41 8.06
N MET B 200 -19.40 -2.38 6.81
CA MET B 200 -20.80 -2.61 6.50
C MET B 200 -20.95 -3.66 5.41
N ARG B 201 -22.12 -4.31 5.39
CA ARG B 201 -22.36 -5.43 4.48
C ARG B 201 -22.34 -5.02 3.02
N HIS B 202 -22.65 -3.75 2.70
CA HIS B 202 -22.68 -3.28 1.33
C HIS B 202 -22.21 -1.83 1.26
N LYS B 203 -21.32 -1.57 0.32
CA LYS B 203 -20.90 -0.20 0.01
C LYS B 203 -20.97 -0.01 -1.50
N ASN B 204 -21.41 1.17 -1.90
CA ASN B 204 -21.33 1.61 -3.28
C ASN B 204 -20.05 2.41 -3.48
N VAL B 205 -19.23 1.98 -4.44
CA VAL B 205 -18.02 2.70 -4.83
C VAL B 205 -18.24 3.30 -6.21
N VAL B 206 -17.96 4.60 -6.34
CA VAL B 206 -18.15 5.31 -7.61
C VAL B 206 -16.81 5.81 -8.16
N ARG B 207 -16.76 5.96 -9.47
CA ARG B 207 -15.65 6.65 -10.15
C ARG B 207 -16.26 7.69 -11.06
N TYR B 208 -15.72 8.91 -11.02
CA TYR B 208 -16.33 9.98 -11.79
C TYR B 208 -15.24 10.92 -12.28
N PRO B 209 -15.47 11.63 -13.39
CA PRO B 209 -14.45 12.51 -13.94
C PRO B 209 -14.49 13.89 -13.29
N CYS B 210 -13.34 14.55 -13.28
CA CYS B 210 -13.28 15.92 -12.78
C CYS B 210 -12.07 16.62 -13.39
N PRO B 211 -12.23 17.83 -13.91
CA PRO B 211 -11.07 18.59 -14.41
C PRO B 211 -10.40 19.36 -13.28
N ILE B 212 -9.07 19.29 -13.20
CA ILE B 212 -8.31 19.95 -12.15
C ILE B 212 -7.13 20.69 -12.79
N LEU B 213 -6.39 21.41 -11.97
CA LEU B 213 -5.17 22.07 -12.40
C LEU B 213 -3.97 21.23 -12.00
N ARG B 214 -3.07 20.99 -12.95
CA ARG B 214 -1.85 20.23 -12.72
C ARG B 214 -0.73 20.95 -13.45
N ASP B 215 0.20 21.53 -12.71
CA ASP B 215 1.27 22.34 -13.29
C ASP B 215 0.69 23.46 -14.17
N GLY B 216 -0.34 24.12 -13.66
CA GLY B 216 -0.94 25.25 -14.32
C GLY B 216 -1.86 24.92 -15.48
N ARG B 217 -2.00 23.65 -15.86
CA ARG B 217 -2.79 23.24 -17.01
C ARG B 217 -4.00 22.42 -16.57
N LYS B 218 -5.10 22.58 -17.31
CA LYS B 218 -6.27 21.74 -17.09
C LYS B 218 -5.97 20.30 -17.49
N VAL B 219 -6.28 19.37 -16.59
CA VAL B 219 -6.17 17.93 -16.83
C VAL B 219 -7.41 17.27 -16.25
N TRP B 220 -7.99 16.35 -17.01
CA TRP B 220 -9.11 15.56 -16.52
C TRP B 220 -8.58 14.32 -15.81
N VAL B 221 -9.07 14.09 -14.59
CA VAL B 221 -8.72 12.91 -13.81
C VAL B 221 -9.99 12.17 -13.45
N THR B 222 -9.82 10.92 -13.02
CA THR B 222 -10.93 10.15 -12.46
C THR B 222 -10.76 10.07 -10.97
N VAL B 223 -11.83 10.38 -10.24
CA VAL B 223 -11.87 10.31 -8.78
C VAL B 223 -12.64 9.05 -8.41
N GLU B 224 -12.11 8.29 -7.45
CA GLU B 224 -12.83 7.18 -6.84
C GLU B 224 -13.23 7.54 -5.42
N ASP B 225 -14.46 7.20 -5.05
CA ASP B 225 -14.96 7.54 -3.72
C ASP B 225 -16.10 6.58 -3.40
N TYR B 226 -16.47 6.54 -2.12
CA TYR B 226 -17.78 5.99 -1.79
C TYR B 226 -18.83 6.97 -2.27
N ASP B 227 -19.94 6.45 -2.76
CA ASP B 227 -21.06 7.30 -3.11
C ASP B 227 -21.49 8.08 -1.87
N THR B 228 -21.63 9.40 -2.01
CA THR B 228 -22.13 10.23 -0.92
C THR B 228 -23.45 10.89 -1.30
N GLY B 229 -23.99 10.53 -2.46
CA GLY B 229 -25.28 11.05 -2.90
C GLY B 229 -26.47 10.27 -2.44
N ASP B 230 -26.25 9.06 -1.93
CA ASP B 230 -27.28 8.17 -1.41
C ASP B 230 -26.64 7.35 -0.31
N PRO B 231 -27.41 6.86 0.66
CA PRO B 231 -26.84 5.98 1.67
C PRO B 231 -26.48 4.63 1.07
N HIS B 232 -25.59 3.92 1.76
CA HIS B 232 -25.16 2.58 1.34
C HIS B 232 -26.13 1.49 1.76
N ASP B 233 -27.12 1.83 2.58
CA ASP B 233 -28.07 0.87 3.09
C ASP B 233 -29.29 1.65 3.56
N ASP B 234 -30.15 0.99 4.34
CA ASP B 234 -31.46 1.54 4.70
C ASP B 234 -31.35 2.41 5.96
N TYR B 235 -30.79 3.61 5.78
CA TYR B 235 -30.64 4.57 6.87
C TYR B 235 -30.59 5.98 6.28
N SER B 236 -30.72 6.95 7.17
CA SER B 236 -30.48 8.35 6.85
C SER B 236 -29.63 9.00 7.93
N PHE B 237 -28.94 10.09 7.57
CA PHE B 237 -28.15 10.80 8.56
C PHE B 237 -29.05 11.44 9.62
N GLU B 238 -30.23 11.95 9.22
CA GLU B 238 -31.20 12.47 10.18
C GLU B 238 -31.48 11.46 11.28
N GLN B 239 -31.66 10.20 10.89
CA GLN B 239 -32.00 9.15 11.85
C GLN B 239 -30.86 8.92 12.83
N ILE B 240 -29.62 8.86 12.32
CA ILE B 240 -28.46 8.66 13.19
C ILE B 240 -28.33 9.82 14.16
N ALA B 241 -28.44 11.04 13.65
CA ALA B 241 -28.22 12.22 14.48
C ALA B 241 -29.34 12.40 15.49
N ARG B 242 -30.59 12.13 15.10
CA ARG B 242 -31.69 12.18 16.06
C ARG B 242 -31.50 11.18 17.18
N ASP B 243 -31.00 9.98 16.87
CA ASP B 243 -30.74 9.00 17.91
C ASP B 243 -29.64 9.48 18.85
N TYR B 244 -28.59 10.11 18.29
CA TYR B 244 -27.51 10.63 19.10
C TYR B 244 -28.03 11.68 20.07
N VAL B 245 -28.84 12.62 19.59
CA VAL B 245 -29.41 13.66 20.45
C VAL B 245 -30.33 13.03 21.50
N ALA B 246 -31.18 12.10 21.09
CA ALA B 246 -32.13 11.49 22.02
C ALA B 246 -31.42 10.74 23.14
N GLN B 247 -30.21 10.28 22.89
CA GLN B 247 -29.35 9.56 23.83
CA GLN B 247 -29.44 9.57 23.91
C GLN B 247 -28.53 10.50 24.72
N GLY B 248 -28.71 11.81 24.58
CA GLY B 248 -27.97 12.78 25.38
C GLY B 248 -26.76 13.39 24.70
N GLY B 249 -26.53 13.10 23.43
CA GLY B 249 -25.34 13.59 22.76
C GLY B 249 -25.42 15.09 22.48
N GLY B 250 -24.33 15.79 22.77
CA GLY B 250 -24.20 17.18 22.40
C GLY B 250 -24.92 18.13 23.33
N THR B 251 -24.76 19.42 23.03
CA THR B 251 -25.46 20.47 23.75
C THR B 251 -26.37 21.22 22.77
N ARG B 252 -27.43 21.80 23.30
CA ARG B 252 -28.45 22.44 22.49
C ARG B 252 -28.72 23.82 23.05
N GLY B 253 -29.06 24.76 22.15
CA GLY B 253 -29.39 26.11 22.59
C GLY B 253 -29.82 26.95 21.40
N LYS B 254 -30.21 28.18 21.68
CA LYS B 254 -30.61 29.12 20.64
C LYS B 254 -29.46 30.06 20.31
N VAL B 255 -29.33 30.38 19.02
CA VAL B 255 -28.38 31.37 18.55
C VAL B 255 -29.15 32.23 17.57
N GLY B 256 -29.37 33.49 17.90
CA GLY B 256 -30.38 34.26 17.18
C GLY B 256 -31.71 33.54 17.28
N ASP B 257 -32.38 33.38 16.13
CA ASP B 257 -33.66 32.68 16.07
C ASP B 257 -33.51 31.18 15.81
N ALA B 258 -32.28 30.69 15.66
CA ALA B 258 -32.03 29.32 15.21
C ALA B 258 -31.85 28.35 16.37
N ASP B 259 -32.42 27.16 16.20
CA ASP B 259 -32.06 26.01 17.02
C ASP B 259 -30.63 25.60 16.70
N ALA B 260 -29.79 25.47 17.73
CA ALA B 260 -28.39 25.12 17.52
C ALA B 260 -28.00 23.89 18.32
N TYR B 261 -27.07 23.13 17.76
CA TYR B 261 -26.54 21.91 18.37
C TYR B 261 -25.02 21.95 18.29
N LEU B 262 -24.35 21.61 19.39
CA LEU B 262 -22.89 21.51 19.39
C LEU B 262 -22.51 20.09 19.74
N PHE B 263 -21.75 19.44 18.84
CA PHE B 263 -21.34 18.05 19.01
C PHE B 263 -19.82 17.93 19.03
N ALA B 264 -19.30 17.04 19.87
CA ALA B 264 -17.89 16.69 19.82
C ALA B 264 -17.68 15.74 18.64
N ALA B 265 -16.76 16.08 17.74
CA ALA B 265 -16.56 15.27 16.54
C ALA B 265 -16.16 13.83 16.86
N GLN B 266 -15.31 13.64 17.87
CA GLN B 266 -14.86 12.29 18.18
C GLN B 266 -16.01 11.45 18.71
N ASP B 267 -16.80 11.98 19.64
CA ASP B 267 -17.91 11.22 20.20
C ASP B 267 -18.99 10.94 19.15
N LEU B 268 -19.31 11.94 18.32
CA LEU B 268 -20.32 11.71 17.31
C LEU B 268 -19.88 10.66 16.30
N THR B 269 -18.61 10.73 15.87
CA THR B 269 -18.10 9.75 14.91
C THR B 269 -18.14 8.34 15.50
N ARG B 270 -17.68 8.18 16.74
CA ARG B 270 -17.72 6.88 17.41
C ARG B 270 -19.14 6.33 17.46
N PHE B 271 -20.10 7.17 17.89
CA PHE B 271 -21.50 6.76 17.95
C PHE B 271 -22.02 6.33 16.59
N ALA B 272 -21.76 7.13 15.56
CA ALA B 272 -22.31 6.83 14.24
C ALA B 272 -21.71 5.56 13.66
N VAL B 273 -20.41 5.33 13.86
CA VAL B 273 -19.80 4.09 13.39
C VAL B 273 -20.45 2.89 14.06
N GLN B 274 -20.65 2.97 15.39
CA GLN B 274 -21.29 1.86 16.09
C GLN B 274 -22.74 1.69 15.66
N TRP B 275 -23.43 2.80 15.38
CA TRP B 275 -24.81 2.75 14.93
C TRP B 275 -24.91 2.00 13.60
N LEU B 276 -24.04 2.33 12.66
CA LEU B 276 -24.05 1.68 11.35
C LEU B 276 -23.62 0.24 11.44
N GLU B 277 -22.58 -0.04 12.23
CA GLU B 277 -22.06 -1.41 12.30
C GLU B 277 -23.04 -2.34 13.00
N SER B 278 -23.76 -1.85 14.00
CA SER B 278 -24.69 -2.72 14.70
C SER B 278 -25.87 -3.11 13.81
N ARG B 279 -26.26 -2.25 12.89
CA ARG B 279 -27.41 -2.52 12.03
C ARG B 279 -27.02 -3.18 10.71
N PHE B 280 -25.86 -2.87 10.17
CA PHE B 280 -25.47 -3.29 8.84
C PHE B 280 -24.10 -3.95 8.79
N GLY B 281 -23.46 -4.16 9.94
CA GLY B 281 -22.06 -4.53 10.01
C GLY B 281 -21.83 -5.99 10.36
N ASP B 282 -20.58 -6.29 10.76
CA ASP B 282 -20.06 -7.66 10.70
C ASP B 282 -20.71 -8.58 11.74
N ILE C 22 15.14 20.55 53.45
CA ILE C 22 13.75 20.41 53.01
C ILE C 22 13.69 20.15 51.52
N PRO C 23 13.12 19.00 51.13
CA PRO C 23 12.95 18.71 49.70
C PRO C 23 12.09 19.78 49.06
N HIS C 24 12.27 19.95 47.74
CA HIS C 24 11.50 20.98 47.04
C HIS C 24 10.03 20.63 47.03
N THR C 25 9.18 21.62 47.31
CA THR C 25 7.75 21.37 47.38
C THR C 25 7.10 21.68 46.04
N HIS C 26 5.89 21.13 45.87
CA HIS C 26 5.05 21.47 44.73
C HIS C 26 4.95 22.98 44.55
N ALA C 27 4.60 23.71 45.62
CA ALA C 27 4.40 25.15 45.49
C ALA C 27 5.68 25.86 45.07
N HIS C 28 6.82 25.45 45.63
CA HIS C 28 8.06 26.12 45.26
CA HIS C 28 8.10 26.07 45.28
C HIS C 28 8.43 25.87 43.81
N LEU C 29 8.09 24.69 43.27
CA LEU C 29 8.35 24.41 41.87
C LEU C 29 7.44 25.23 40.96
N VAL C 30 6.14 25.27 41.27
CA VAL C 30 5.20 26.10 40.51
C VAL C 30 5.70 27.52 40.45
N ASP C 31 6.08 28.06 41.61
CA ASP C 31 6.55 29.45 41.67
C ASP C 31 7.80 29.66 40.83
N ALA C 32 8.74 28.70 40.87
CA ALA C 32 9.97 28.83 40.10
C ALA C 32 9.69 28.74 38.60
N PHE C 33 8.77 27.87 38.19
CA PHE C 33 8.39 27.79 36.78
C PHE C 33 7.79 29.11 36.31
N GLN C 34 6.91 29.69 37.13
CA GLN C 34 6.33 30.98 36.79
C GLN C 34 7.39 32.06 36.71
N ALA C 35 8.35 32.08 37.64
CA ALA C 35 9.39 33.11 37.61
C ALA C 35 10.25 33.01 36.35
N LEU C 36 10.50 31.78 35.89
CA LEU C 36 11.29 31.59 34.69
C LEU C 36 10.58 32.13 33.46
N GLY C 37 9.25 32.10 33.46
CA GLY C 37 8.48 32.62 32.35
C GLY C 37 7.41 31.67 31.82
N ILE C 38 7.13 30.57 32.52
CA ILE C 38 6.05 29.70 32.08
C ILE C 38 4.71 30.34 32.42
N ARG C 39 3.79 30.30 31.46
CA ARG C 39 2.55 31.05 31.53
C ARG C 39 1.36 30.15 31.23
N ALA C 40 0.23 30.49 31.81
CA ALA C 40 -1.00 29.76 31.56
C ALA C 40 -1.27 29.69 30.05
N GLY C 41 -1.57 28.49 29.58
CA GLY C 41 -2.00 28.27 28.20
C GLY C 41 -0.89 27.93 27.23
N GLN C 42 0.36 28.05 27.64
CA GLN C 42 1.47 27.70 26.76
C GLN C 42 1.45 26.21 26.43
N ALA C 43 1.97 25.88 25.24
CA ALA C 43 2.32 24.52 24.89
C ALA C 43 3.83 24.37 25.06
N LEU C 44 4.25 23.38 25.85
CA LEU C 44 5.63 23.34 26.31
C LEU C 44 6.16 21.93 26.18
N MET C 45 7.36 21.80 25.63
CA MET C 45 8.02 20.50 25.55
C MET C 45 9.18 20.51 26.54
N LEU C 46 9.26 19.47 27.37
CA LEU C 46 10.18 19.40 28.50
C LEU C 46 11.30 18.41 28.22
N HIS C 47 12.54 18.82 28.53
CA HIS C 47 13.68 17.92 28.66
C HIS C 47 14.21 18.09 30.07
N ALA C 48 14.49 16.98 30.76
CA ALA C 48 14.76 17.10 32.18
C ALA C 48 15.78 16.08 32.68
N SER C 49 16.41 16.43 33.80
CA SER C 49 17.16 15.51 34.63
C SER C 49 16.57 15.58 36.04
N VAL C 50 16.01 14.46 36.50
CA VAL C 50 15.46 14.41 37.86
C VAL C 50 16.55 14.68 38.88
N LYS C 51 17.75 14.15 38.65
CA LYS C 51 18.83 14.32 39.62
C LYS C 51 19.26 15.78 39.71
N ALA C 52 19.24 16.50 38.58
CA ALA C 52 19.63 17.91 38.58
C ALA C 52 18.68 18.77 39.40
N VAL C 53 17.39 18.40 39.44
CA VAL C 53 16.42 19.19 40.20
C VAL C 53 16.64 19.03 41.69
N GLY C 54 17.12 17.87 42.13
CA GLY C 54 17.27 17.59 43.54
C GLY C 54 16.01 17.03 44.15
N ALA C 55 16.11 16.64 45.42
CA ALA C 55 15.02 15.94 46.08
C ALA C 55 13.74 16.77 46.05
N VAL C 56 12.65 16.14 45.63
CA VAL C 56 11.34 16.78 45.51
C VAL C 56 10.38 16.04 46.44
N MET C 57 9.56 16.79 47.16
CA MET C 57 8.68 16.19 48.18
C MET C 57 7.49 15.56 47.46
N GLY C 58 7.50 14.23 47.34
CA GLY C 58 6.54 13.51 46.52
C GLY C 58 7.12 12.92 45.25
N GLY C 59 8.39 13.19 44.96
CA GLY C 59 9.08 12.58 43.85
C GLY C 59 8.79 13.23 42.52
N PRO C 60 9.26 12.61 41.43
CA PRO C 60 9.15 13.24 40.10
C PRO C 60 7.72 13.52 39.62
N ASN C 61 6.71 12.80 40.10
CA ASN C 61 5.33 13.16 39.77
C ASN C 61 5.06 14.63 40.09
N VAL C 62 5.67 15.14 41.16
CA VAL C 62 5.42 16.50 41.57
C VAL C 62 6.07 17.50 40.62
N ILE C 63 7.20 17.15 40.00
CA ILE C 63 7.75 17.99 38.92
C ILE C 63 6.73 18.15 37.81
N LEU C 64 6.14 17.03 37.37
CA LEU C 64 5.15 17.08 36.30
C LEU C 64 3.90 17.85 36.73
N GLN C 65 3.36 17.54 37.92
CA GLN C 65 2.15 18.23 38.36
C GLN C 65 2.37 19.72 38.55
N ALA C 66 3.52 20.12 39.12
CA ALA C 66 3.80 21.54 39.28
C ALA C 66 3.92 22.23 37.92
N LEU C 67 4.55 21.57 36.95
CA LEU C 67 4.66 22.16 35.63
C LEU C 67 3.28 22.28 34.98
N MET C 68 2.46 21.23 35.11
N MET C 68 2.44 21.25 35.12
CA MET C 68 1.10 21.28 34.58
CA MET C 68 1.11 21.31 34.53
C MET C 68 0.29 22.38 35.25
C MET C 68 0.19 22.27 35.28
N ASP C 69 0.49 22.57 36.55
CA ASP C 69 -0.26 23.59 37.27
C ASP C 69 0.12 24.99 36.79
N ALA C 70 1.40 25.20 36.53
CA ALA C 70 1.82 26.48 35.96
C ALA C 70 1.21 26.69 34.58
N LEU C 71 1.12 25.62 33.79
CA LEU C 71 0.54 25.72 32.45
C LEU C 71 -0.98 25.85 32.49
N THR C 72 -1.62 25.37 33.58
CA THR C 72 -3.07 25.21 33.72
C THR C 72 -3.62 24.18 32.73
N PRO C 73 -4.86 23.71 32.92
CA PRO C 73 -5.44 22.79 31.93
C PRO C 73 -5.59 23.41 30.54
N ASP C 74 -5.50 24.74 30.43
CA ASP C 74 -5.50 25.36 29.10
CA ASP C 74 -5.49 25.39 29.12
C ASP C 74 -4.16 25.21 28.40
N GLY C 75 -3.10 24.85 29.12
CA GLY C 75 -1.81 24.60 28.53
C GLY C 75 -1.61 23.12 28.23
N THR C 76 -0.45 22.81 27.66
CA THR C 76 -0.13 21.46 27.23
C THR C 76 1.34 21.17 27.52
N LEU C 77 1.61 19.97 28.04
CA LEU C 77 2.97 19.52 28.32
C LEU C 77 3.27 18.30 27.46
N MET C 78 4.42 18.33 26.78
CA MET C 78 4.87 17.27 25.88
C MET C 78 6.29 16.83 26.18
N MET C 79 6.54 15.53 26.03
CA MET C 79 7.91 15.00 26.09
C MET C 79 8.12 13.99 24.97
N TYR C 80 9.38 13.84 24.59
CA TYR C 80 9.81 12.78 23.67
C TYR C 80 9.98 11.48 24.45
N ALA C 81 9.13 10.50 24.15
CA ALA C 81 9.20 9.19 24.80
C ALA C 81 10.00 8.18 23.98
N GLY C 82 9.74 8.10 22.66
CA GLY C 82 10.38 7.03 21.87
C GLY C 82 9.95 5.64 22.35
N TRP C 83 10.80 4.66 22.07
CA TRP C 83 10.54 3.28 22.44
C TRP C 83 11.84 2.63 22.88
N GLN C 84 11.95 2.34 24.19
CA GLN C 84 13.18 1.79 24.74
C GLN C 84 13.59 0.52 24.02
N ASP C 85 12.63 -0.29 23.59
CA ASP C 85 12.94 -1.62 23.07
C ASP C 85 12.82 -1.72 21.56
N ILE C 86 12.95 -0.60 20.86
CA ILE C 86 12.78 -0.66 19.39
C ILE C 86 13.86 -1.55 18.78
N PRO C 87 13.50 -2.56 18.00
CA PRO C 87 14.50 -3.48 17.44
C PRO C 87 14.96 -3.05 16.05
N ASP C 88 15.41 -1.80 15.94
CA ASP C 88 15.83 -1.27 14.64
C ASP C 88 17.22 -1.74 14.19
N PHE C 89 17.92 -2.51 15.01
CA PHE C 89 19.28 -2.94 14.77
C PHE C 89 19.38 -4.36 14.20
N ILE C 90 18.26 -5.00 13.89
CA ILE C 90 18.28 -6.45 13.62
C ILE C 90 19.13 -6.81 12.41
N ASP C 91 19.29 -5.91 11.43
CA ASP C 91 20.05 -6.27 10.25
C ASP C 91 21.54 -6.47 10.55
N SER C 92 22.01 -5.99 11.70
CA SER C 92 23.40 -6.19 12.07
C SER C 92 23.63 -7.49 12.83
N LEU C 93 22.56 -8.23 13.19
CA LEU C 93 22.66 -9.47 13.92
C LEU C 93 22.92 -10.63 12.97
N PRO C 94 23.45 -11.76 13.46
CA PRO C 94 23.47 -12.97 12.64
C PRO C 94 22.07 -13.28 12.15
N ASP C 95 21.99 -13.81 10.92
CA ASP C 95 20.70 -14.03 10.26
C ASP C 95 19.77 -14.89 11.11
N ALA C 96 20.30 -15.92 11.78
CA ALA C 96 19.43 -16.78 12.55
C ALA C 96 18.87 -16.08 13.79
N LEU C 97 19.63 -15.13 14.35
CA LEU C 97 19.09 -14.31 15.44
C LEU C 97 18.07 -13.30 14.92
N LYS C 98 18.37 -12.65 13.79
CA LYS C 98 17.38 -11.81 13.13
C LYS C 98 16.05 -12.53 12.95
N ALA C 99 16.10 -13.78 12.49
CA ALA C 99 14.87 -14.53 12.26
C ALA C 99 14.08 -14.70 13.55
N VAL C 100 14.77 -14.90 14.68
CA VAL C 100 14.07 -15.02 15.95
C VAL C 100 13.40 -13.69 16.30
N TYR C 101 14.10 -12.57 16.10
CA TYR C 101 13.48 -11.25 16.34
C TYR C 101 12.23 -11.06 15.49
N LEU C 102 12.29 -11.43 14.21
CA LEU C 102 11.15 -11.24 13.32
C LEU C 102 9.94 -12.06 13.79
N GLU C 103 10.19 -13.17 14.47
CA GLU C 103 9.09 -14.01 14.96
C GLU C 103 8.62 -13.60 16.34
N GLN C 104 9.54 -13.22 17.23
CA GLN C 104 9.22 -13.17 18.66
C GLN C 104 9.25 -11.78 19.26
N HIS C 105 9.88 -10.81 18.62
CA HIS C 105 9.93 -9.49 19.23
C HIS C 105 8.55 -8.85 19.17
N PRO C 106 8.08 -8.24 20.25
CA PRO C 106 6.75 -7.63 20.24
C PRO C 106 6.72 -6.39 19.35
N PRO C 107 5.54 -6.04 18.84
CA PRO C 107 5.42 -4.80 18.05
C PRO C 107 5.30 -3.59 18.98
N PHE C 108 5.50 -2.42 18.39
CA PHE C 108 5.23 -1.19 19.12
C PHE C 108 3.73 -1.14 19.44
N ASP C 109 3.39 -1.26 20.73
CA ASP C 109 2.02 -1.06 21.16
C ASP C 109 2.03 0.23 21.96
N PRO C 110 1.38 1.30 21.51
CA PRO C 110 1.49 2.57 22.23
C PRO C 110 0.97 2.50 23.65
N ALA C 111 0.13 1.53 23.99
CA ALA C 111 -0.38 1.45 25.36
C ALA C 111 0.71 1.03 26.34
N THR C 112 1.68 0.23 25.90
CA THR C 112 2.66 -0.36 26.80
C THR C 112 4.12 -0.11 26.45
N ALA C 113 4.43 0.32 25.22
CA ALA C 113 5.84 0.47 24.83
C ALA C 113 6.51 1.47 25.76
N ARG C 114 7.60 1.04 26.41
CA ARG C 114 8.22 1.88 27.44
C ARG C 114 9.05 2.99 26.79
N ALA C 115 9.08 4.14 27.45
CA ALA C 115 9.89 5.26 26.97
C ALA C 115 11.38 4.94 27.09
N VAL C 116 12.15 5.52 26.17
CA VAL C 116 13.60 5.40 26.22
C VAL C 116 14.10 5.90 27.56
N ARG C 117 14.90 5.07 28.24
CA ARG C 117 15.34 5.43 29.59
C ARG C 117 16.19 6.69 29.57
N GLU C 118 17.06 6.83 28.56
CA GLU C 118 17.90 8.02 28.43
C GLU C 118 17.13 9.28 28.11
N ASN C 119 15.81 9.21 27.91
CA ASN C 119 14.98 10.39 27.71
C ASN C 119 14.44 10.95 29.03
N SER C 120 14.94 10.43 30.16
CA SER C 120 14.52 10.70 31.54
C SER C 120 13.36 9.82 31.96
N VAL C 121 13.42 9.35 33.22
CA VAL C 121 12.27 8.67 33.78
C VAL C 121 11.04 9.55 33.71
N LEU C 122 11.21 10.89 33.66
CA LEU C 122 10.05 11.77 33.55
C LEU C 122 9.25 11.52 32.29
N ALA C 123 9.91 11.12 31.19
CA ALA C 123 9.17 10.80 29.96
C ALA C 123 8.31 9.56 30.16
N GLU C 124 8.82 8.57 30.88
CA GLU C 124 8.00 7.40 31.16
C GLU C 124 6.87 7.73 32.14
N PHE C 125 7.14 8.63 33.09
CA PHE C 125 6.09 9.07 34.01
C PHE C 125 4.98 9.82 33.28
N LEU C 126 5.35 10.68 32.32
CA LEU C 126 4.33 11.42 31.58
C LEU C 126 3.58 10.49 30.64
N ARG C 127 4.29 9.51 30.07
CA ARG C 127 3.66 8.55 29.17
C ARG C 127 2.52 7.80 29.85
N THR C 128 2.61 7.60 31.16
CA THR C 128 1.62 6.86 31.94
C THR C 128 0.71 7.76 32.76
N TRP C 129 0.66 9.06 32.43
CA TRP C 129 -0.18 10.03 33.12
C TRP C 129 -1.63 9.92 32.66
N PRO C 130 -2.59 10.21 33.55
CA PRO C 130 -4.01 10.23 33.12
C PRO C 130 -4.23 11.24 32.00
N CYS C 131 -5.04 10.83 31.02
CA CYS C 131 -5.45 11.65 29.89
C CYS C 131 -4.31 11.94 28.91
N VAL C 132 -3.21 11.19 28.98
CA VAL C 132 -2.12 11.36 28.05
C VAL C 132 -2.55 10.95 26.64
N HIS C 133 -1.96 11.61 25.64
CA HIS C 133 -2.04 11.18 24.26
C HIS C 133 -0.64 10.87 23.75
N ARG C 134 -0.50 9.81 22.95
CA ARG C 134 0.80 9.36 22.48
C ARG C 134 0.80 9.29 20.96
N SER C 135 1.87 9.80 20.34
CA SER C 135 1.93 9.79 18.88
C SER C 135 2.36 8.41 18.37
N ALA C 136 2.07 8.16 17.10
CA ALA C 136 2.11 6.78 16.58
C ALA C 136 3.48 6.35 16.07
N ASN C 137 4.39 7.27 15.84
CA ASN C 137 5.71 6.92 15.31
C ASN C 137 6.54 6.28 16.42
N PRO C 138 6.92 5.00 16.28
CA PRO C 138 7.60 4.35 17.42
C PRO C 138 8.90 5.02 17.85
N GLU C 139 9.81 5.24 16.90
CA GLU C 139 11.12 5.77 17.27
C GLU C 139 11.02 7.20 17.76
N ALA C 140 10.11 7.99 17.18
CA ALA C 140 9.98 9.40 17.52
C ALA C 140 8.79 9.70 18.43
N SER C 141 8.30 8.70 19.15
CA SER C 141 6.99 8.84 19.80
C SER C 141 7.01 9.94 20.84
N MET C 142 6.04 10.83 20.76
CA MET C 142 5.85 11.90 21.75
C MET C 142 4.59 11.68 22.58
N VAL C 143 4.65 12.12 23.84
CA VAL C 143 3.50 12.02 24.75
C VAL C 143 3.13 13.42 25.23
N ALA C 144 1.83 13.67 25.40
CA ALA C 144 1.39 15.01 25.80
C ALA C 144 0.12 14.93 26.64
N VAL C 145 -0.01 15.89 27.56
CA VAL C 145 -1.19 16.03 28.42
C VAL C 145 -1.58 17.50 28.39
N GLY C 146 -2.86 17.78 28.14
CA GLY C 146 -3.35 19.14 28.18
C GLY C 146 -4.25 19.44 27.00
N ARG C 147 -4.57 20.73 26.86
CA ARG C 147 -5.63 21.16 25.95
C ARG C 147 -5.32 20.79 24.50
N GLN C 148 -4.05 20.90 24.10
CA GLN C 148 -3.66 20.66 22.72
C GLN C 148 -2.91 19.33 22.56
N ALA C 149 -3.08 18.41 23.50
CA ALA C 149 -2.31 17.17 23.46
C ALA C 149 -2.70 16.30 22.27
N ALA C 150 -3.99 16.20 21.96
CA ALA C 150 -4.41 15.44 20.78
C ALA C 150 -3.90 16.08 19.49
N LEU C 151 -4.04 17.40 19.39
CA LEU C 151 -3.50 18.13 18.24
C LEU C 151 -2.03 17.82 18.01
N LEU C 152 -1.22 17.94 19.08
CA LEU C 152 0.23 17.80 18.90
C LEU C 152 0.59 16.39 18.47
N THR C 153 -0.09 15.37 19.00
CA THR C 153 0.32 13.98 18.81
C THR C 153 -0.37 13.27 17.66
N ALA C 154 -1.43 13.84 17.09
CA ALA C 154 -2.18 13.10 16.08
C ALA C 154 -1.45 13.06 14.73
N ASN C 155 -1.69 11.99 13.98
CA ASN C 155 -1.21 11.86 12.60
C ASN C 155 0.30 12.08 12.47
N HIS C 156 1.04 11.52 13.42
CA HIS C 156 2.51 11.54 13.37
C HIS C 156 2.98 10.51 12.36
N ALA C 157 3.45 10.97 11.20
CA ALA C 157 3.82 10.07 10.13
C ALA C 157 5.00 9.20 10.54
N LEU C 158 5.03 7.97 10.02
CA LEU C 158 6.11 7.05 10.37
C LEU C 158 7.41 7.44 9.72
N ASP C 159 7.36 7.93 8.48
CA ASP C 159 8.58 8.37 7.83
C ASP C 159 8.86 9.83 8.19
N TYR C 160 10.14 10.16 8.35
CA TYR C 160 10.58 11.53 8.64
C TYR C 160 9.87 12.08 9.88
N GLY C 161 10.05 11.35 10.98
CA GLY C 161 9.32 11.57 12.21
C GLY C 161 9.64 12.86 12.93
N TYR C 162 10.66 13.61 12.48
CA TYR C 162 10.94 14.91 13.05
C TYR C 162 10.64 16.02 12.06
N GLY C 163 9.92 15.71 10.99
CA GLY C 163 9.71 16.60 9.85
C GLY C 163 8.36 17.29 9.86
N VAL C 164 7.80 17.45 8.66
CA VAL C 164 6.61 18.28 8.48
C VAL C 164 5.39 17.68 9.15
N GLU C 165 5.30 16.34 9.24
CA GLU C 165 4.12 15.71 9.86
C GLU C 165 4.48 15.18 11.24
N SER C 166 4.98 16.04 12.09
CA SER C 166 5.46 15.62 13.40
C SER C 166 4.92 16.54 14.46
N PRO C 167 4.94 16.10 15.72
CA PRO C 167 4.54 16.99 16.81
C PRO C 167 5.43 18.21 16.96
N LEU C 168 6.68 18.10 16.50
CA LEU C 168 7.59 19.25 16.57
C LEU C 168 7.18 20.34 15.59
N ALA C 169 6.79 19.97 14.38
CA ALA C 169 6.25 20.96 13.45
C ALA C 169 5.03 21.64 14.05
N LYS C 170 4.18 20.87 14.73
CA LYS C 170 2.97 21.45 15.28
C LYS C 170 3.28 22.35 16.48
N LEU C 171 4.28 21.97 17.27
CA LEU C 171 4.71 22.82 18.37
C LEU C 171 5.19 24.18 17.87
N VAL C 172 5.97 24.19 16.79
CA VAL C 172 6.41 25.44 16.18
C VAL C 172 5.20 26.23 15.69
N ALA C 173 4.27 25.55 15.01
CA ALA C 173 3.12 26.23 14.42
C ALA C 173 2.24 26.90 15.47
N ILE C 174 2.13 26.32 16.67
CA ILE C 174 1.33 26.93 17.73
C ILE C 174 2.15 27.83 18.63
N GLU C 175 3.38 28.14 18.24
CA GLU C 175 4.27 29.04 18.98
C GLU C 175 4.51 28.53 20.41
N GLY C 176 4.82 27.25 20.50
CA GLY C 176 5.13 26.63 21.77
C GLY C 176 6.53 26.94 22.24
N TYR C 177 6.91 26.27 23.32
CA TYR C 177 8.16 26.53 24.02
C TYR C 177 8.86 25.20 24.33
N VAL C 178 10.15 25.30 24.59
CA VAL C 178 10.96 24.19 25.05
C VAL C 178 11.61 24.58 26.37
N LEU C 179 11.46 23.71 27.38
CA LEU C 179 12.04 23.92 28.70
C LEU C 179 13.12 22.86 28.93
N MET C 180 14.35 23.31 29.16
CA MET C 180 15.47 22.46 29.58
C MET C 180 15.62 22.57 31.09
N LEU C 181 15.25 21.51 31.79
CA LEU C 181 15.22 21.50 33.25
C LEU C 181 16.39 20.63 33.73
N GLY C 182 17.58 21.24 33.80
CA GLY C 182 18.78 20.52 34.14
C GLY C 182 19.27 19.55 33.08
N ALA C 183 18.65 19.53 31.91
CA ALA C 183 19.05 18.66 30.81
C ALA C 183 20.12 19.33 29.97
N PRO C 184 21.09 18.57 29.44
CA PRO C 184 22.12 19.19 28.60
C PRO C 184 21.52 19.84 27.37
N LEU C 185 22.13 20.95 26.95
CA LEU C 185 21.63 21.67 25.78
C LEU C 185 21.67 20.82 24.51
N ASP C 186 22.53 19.81 24.48
CA ASP C 186 22.63 18.93 23.33
C ASP C 186 21.39 18.06 23.13
N THR C 187 20.48 17.99 24.12
CA THR C 187 19.34 17.09 24.06
C THR C 187 18.06 17.74 23.54
N ILE C 188 18.15 18.90 22.90
CA ILE C 188 16.95 19.56 22.38
C ILE C 188 16.45 18.83 21.12
N THR C 189 15.42 18.01 21.28
CA THR C 189 14.89 17.21 20.17
C THR C 189 14.38 18.08 19.03
N LEU C 190 13.88 19.28 19.36
CA LEU C 190 13.39 20.19 18.34
C LEU C 190 14.45 20.49 17.29
N LEU C 191 15.73 20.45 17.65
CA LEU C 191 16.76 20.73 16.66
C LEU C 191 16.83 19.67 15.56
N HIS C 192 16.29 18.46 15.78
CA HIS C 192 16.15 17.52 14.66
C HIS C 192 15.14 18.01 13.65
N HIS C 193 14.14 18.78 14.09
CA HIS C 193 13.22 19.41 13.16
C HIS C 193 13.91 20.50 12.35
N ALA C 194 14.82 21.24 12.99
CA ALA C 194 15.62 22.22 12.23
C ALA C 194 16.50 21.53 11.19
N GLU C 195 17.10 20.39 11.55
CA GLU C 195 17.88 19.63 10.57
C GLU C 195 17.01 19.20 9.40
N TYR C 196 15.78 18.76 9.68
CA TYR C 196 14.88 18.35 8.61
C TYR C 196 14.62 19.51 7.65
N LEU C 197 14.36 20.71 8.21
CA LEU C 197 13.99 21.86 7.39
C LEU C 197 15.17 22.43 6.62
N ALA C 198 16.37 22.38 7.19
CA ALA C 198 17.48 23.15 6.64
C ALA C 198 17.94 22.60 5.30
N LYS C 199 18.18 23.50 4.35
CA LYS C 199 18.76 23.13 3.05
C LYS C 199 20.26 22.95 3.26
N MET C 200 20.70 21.72 3.45
CA MET C 200 22.11 21.46 3.65
C MET C 200 22.71 20.70 2.47
N ARG C 201 24.04 20.71 2.40
CA ARG C 201 24.74 20.06 1.30
C ARG C 201 24.36 18.58 1.21
N HIS C 202 24.36 17.87 2.34
CA HIS C 202 24.02 16.46 2.34
C HIS C 202 23.50 16.07 3.72
N LYS C 203 22.38 15.35 3.73
CA LYS C 203 21.86 14.73 4.95
C LYS C 203 21.80 13.22 4.75
N ASN C 204 22.16 12.50 5.79
CA ASN C 204 22.17 11.04 5.72
C ASN C 204 20.76 10.51 5.97
N VAL C 205 20.29 9.66 5.06
CA VAL C 205 18.98 9.01 5.17
C VAL C 205 19.20 7.61 5.72
N VAL C 206 18.37 7.21 6.66
CA VAL C 206 18.37 5.84 7.19
C VAL C 206 17.06 5.17 6.83
N ARG C 207 17.12 3.86 6.61
CA ARG C 207 15.94 3.04 6.41
C ARG C 207 16.09 1.81 7.29
N TYR C 208 15.12 1.59 8.17
CA TYR C 208 15.28 0.55 9.18
C TYR C 208 13.97 -0.18 9.41
N PRO C 209 14.03 -1.44 9.83
CA PRO C 209 12.80 -2.21 10.09
C PRO C 209 12.23 -1.92 11.47
N CYS C 210 10.91 -2.01 11.58
CA CYS C 210 10.30 -1.83 12.89
C CYS C 210 8.96 -2.55 12.91
N PRO C 211 8.65 -3.29 13.97
CA PRO C 211 7.33 -3.93 14.07
C PRO C 211 6.30 -3.00 14.68
N ILE C 212 5.13 -2.90 14.04
CA ILE C 212 4.02 -2.08 14.51
C ILE C 212 2.74 -2.92 14.53
N LEU C 213 1.68 -2.30 15.04
CA LEU C 213 0.35 -2.90 15.02
C LEU C 213 -0.44 -2.31 13.86
N ARG C 214 -1.08 -3.17 13.07
CA ARG C 214 -1.94 -2.75 11.98
C ARG C 214 -3.15 -3.67 11.97
N ASP C 215 -4.35 -3.08 12.11
CA ASP C 215 -5.57 -3.86 12.32
C ASP C 215 -5.39 -4.91 13.41
N GLY C 216 -4.71 -4.52 14.49
CA GLY C 216 -4.52 -5.39 15.63
C GLY C 216 -3.50 -6.50 15.45
N ARG C 217 -2.78 -6.55 14.34
CA ARG C 217 -1.80 -7.59 14.10
C ARG C 217 -0.41 -6.98 13.94
N LYS C 218 0.61 -7.76 14.32
CA LYS C 218 1.99 -7.33 14.17
C LYS C 218 2.40 -7.34 12.71
N VAL C 219 2.95 -6.23 12.23
CA VAL C 219 3.49 -6.13 10.87
CA VAL C 219 3.50 -6.15 10.87
C VAL C 219 4.84 -5.44 10.96
N TRP C 220 5.83 -5.97 10.26
CA TRP C 220 7.14 -5.33 10.19
C TRP C 220 7.16 -4.41 8.97
N VAL C 221 7.51 -3.14 9.20
CA VAL C 221 7.55 -2.15 8.15
C VAL C 221 8.95 -1.55 8.06
N THR C 222 9.21 -0.86 6.96
CA THR C 222 10.43 -0.10 6.79
C THR C 222 10.13 1.36 7.07
N VAL C 223 10.89 1.96 7.98
CA VAL C 223 10.81 3.37 8.31
C VAL C 223 11.95 4.10 7.63
N GLU C 224 11.65 5.21 6.97
CA GLU C 224 12.68 6.05 6.38
C GLU C 224 12.74 7.36 7.17
N ASP C 225 13.95 7.83 7.47
CA ASP C 225 14.09 9.06 8.22
C ASP C 225 15.46 9.63 7.92
N TYR C 226 15.68 10.88 8.33
CA TYR C 226 17.04 11.36 8.45
C TYR C 226 17.68 10.75 9.69
N ASP C 227 18.97 10.47 9.60
CA ASP C 227 19.73 10.01 10.76
C ASP C 227 19.57 11.01 11.90
N THR C 228 19.19 10.51 13.07
CA THR C 228 19.17 11.37 14.25
C THR C 228 20.16 10.90 15.31
N GLY C 229 20.99 9.91 15.00
CA GLY C 229 21.98 9.44 15.95
C GLY C 229 23.29 10.17 15.84
N ASP C 230 23.53 10.80 14.69
CA ASP C 230 24.76 11.53 14.43
C ASP C 230 24.40 12.74 13.58
N PRO C 231 25.13 13.85 13.72
CA PRO C 231 24.86 15.02 12.87
C PRO C 231 25.20 14.74 11.42
N HIS C 232 24.63 15.57 10.55
CA HIS C 232 24.82 15.47 9.11
C HIS C 232 26.07 16.17 8.62
N ASP C 233 26.75 16.89 9.51
CA ASP C 233 27.95 17.64 9.19
C ASP C 233 28.66 17.93 10.51
N ASP C 234 29.65 18.82 10.47
CA ASP C 234 30.56 19.05 11.58
C ASP C 234 29.95 20.06 12.55
N TYR C 235 28.95 19.61 13.31
CA TYR C 235 28.28 20.46 14.29
C TYR C 235 27.72 19.61 15.43
N SER C 236 27.30 20.29 16.49
CA SER C 236 26.55 19.65 17.56
C SER C 236 25.38 20.53 17.96
N PHE C 237 24.34 19.90 18.50
CA PHE C 237 23.22 20.68 19.01
C PHE C 237 23.64 21.60 20.16
N GLU C 238 24.57 21.13 20.99
N GLU C 238 24.58 21.15 20.99
CA GLU C 238 25.08 21.98 22.07
CA GLU C 238 25.05 22.01 22.07
C GLU C 238 25.68 23.26 21.52
C GLU C 238 25.67 23.29 21.52
N GLN C 239 26.40 23.18 20.41
CA GLN C 239 27.03 24.35 19.82
C GLN C 239 25.96 25.32 19.30
N ILE C 240 24.91 24.77 18.67
CA ILE C 240 23.83 25.63 18.17
C ILE C 240 23.12 26.34 19.32
N ALA C 241 22.79 25.58 20.37
CA ALA C 241 22.07 26.14 21.49
C ALA C 241 22.91 27.17 22.24
N ARG C 242 24.20 26.91 22.42
CA ARG C 242 25.06 27.89 23.06
C ARG C 242 25.18 29.17 22.23
N ASP C 243 25.27 29.03 20.91
CA ASP C 243 25.26 30.23 20.07
C ASP C 243 23.94 30.98 20.20
N TYR C 244 22.82 30.24 20.29
CA TYR C 244 21.53 30.90 20.44
C TYR C 244 21.48 31.70 21.73
N VAL C 245 21.93 31.11 22.83
CA VAL C 245 21.93 31.80 24.12
C VAL C 245 22.87 33.01 24.08
N ALA C 246 24.03 32.85 23.45
CA ALA C 246 25.02 33.92 23.44
C ALA C 246 24.53 35.16 22.70
N GLN C 247 23.65 34.97 21.70
CA GLN C 247 23.08 36.09 20.96
CA GLN C 247 23.09 36.08 20.95
C GLN C 247 21.77 36.59 21.54
N GLY C 248 21.46 36.21 22.78
CA GLY C 248 20.29 36.73 23.47
C GLY C 248 19.06 35.86 23.46
N GLY C 249 19.15 34.61 23.01
CA GLY C 249 17.97 33.78 22.89
C GLY C 249 17.58 33.15 24.22
N GLY C 250 16.28 33.17 24.50
CA GLY C 250 15.73 32.43 25.60
C GLY C 250 15.86 33.13 26.94
N THR C 251 15.40 32.44 27.97
CA THR C 251 15.50 32.90 29.35
C THR C 251 16.11 31.78 30.20
N ARG C 252 16.77 32.19 31.28
CA ARG C 252 17.48 31.26 32.13
C ARG C 252 17.12 31.51 33.59
N GLY C 253 17.03 30.44 34.36
CA GLY C 253 16.75 30.60 35.78
C GLY C 253 16.89 29.27 36.49
N LYS C 254 16.76 29.32 37.80
CA LYS C 254 16.87 28.13 38.62
C LYS C 254 15.49 27.56 38.91
N VAL C 255 15.37 26.24 38.85
CA VAL C 255 14.18 25.53 39.29
C VAL C 255 14.64 24.39 40.16
N GLY C 256 14.26 24.41 41.44
CA GLY C 256 14.89 23.48 42.36
C GLY C 256 16.39 23.72 42.37
N ASP C 257 17.18 22.64 42.26
CA ASP C 257 18.63 22.78 42.14
C ASP C 257 19.09 22.90 40.69
N ALA C 258 18.19 22.87 39.73
CA ALA C 258 18.56 22.74 38.32
C ALA C 258 18.69 24.10 37.63
N ASP C 259 19.71 24.20 36.78
CA ASP C 259 19.82 25.30 35.83
C ASP C 259 18.82 25.06 34.69
N ALA C 260 17.91 26.02 34.49
CA ALA C 260 16.82 25.85 33.52
C ALA C 260 16.91 26.89 32.41
N TYR C 261 16.57 26.47 31.19
CA TYR C 261 16.45 27.37 30.04
C TYR C 261 15.06 27.23 29.43
N LEU C 262 14.48 28.35 29.02
CA LEU C 262 13.18 28.36 28.37
C LEU C 262 13.33 29.05 27.02
N PHE C 263 13.02 28.32 25.96
CA PHE C 263 13.22 28.77 24.59
C PHE C 263 11.89 28.80 23.85
N ALA C 264 11.69 29.82 23.02
CA ALA C 264 10.54 29.85 22.13
C ALA C 264 10.83 28.95 20.94
N ALA C 265 9.93 27.99 20.67
CA ALA C 265 10.17 27.01 19.61
C ALA C 265 10.33 27.66 18.24
N GLN C 266 9.52 28.67 17.94
CA GLN C 266 9.56 29.26 16.61
C GLN C 266 10.88 30.00 16.39
N ASP C 267 11.30 30.81 17.36
CA ASP C 267 12.55 31.55 17.21
C ASP C 267 13.76 30.63 17.21
N LEU C 268 13.77 29.63 18.08
CA LEU C 268 14.92 28.72 18.10
C LEU C 268 15.00 27.93 16.80
N THR C 269 13.85 27.50 16.26
CA THR C 269 13.89 26.76 14.99
C THR C 269 14.41 27.63 13.86
N ARG C 270 13.91 28.88 13.76
CA ARG C 270 14.38 29.78 12.72
C ARG C 270 15.87 30.01 12.84
N PHE C 271 16.35 30.25 14.08
CA PHE C 271 17.77 30.47 14.32
C PHE C 271 18.58 29.25 13.91
N ALA C 272 18.12 28.05 14.29
CA ALA C 272 18.91 26.85 14.01
C ALA C 272 18.95 26.55 12.52
N VAL C 273 17.84 26.78 11.81
CA VAL C 273 17.83 26.56 10.37
C VAL C 273 18.83 27.50 9.68
N GLN C 274 18.80 28.79 10.04
CA GLN C 274 19.76 29.74 9.48
C GLN C 274 21.19 29.37 9.84
N TRP C 275 21.39 28.90 11.08
CA TRP C 275 22.72 28.51 11.55
C TRP C 275 23.26 27.37 10.71
N LEU C 276 22.42 26.36 10.46
CA LEU C 276 22.85 25.21 9.68
C LEU C 276 23.05 25.57 8.21
N GLU C 277 22.16 26.40 7.65
CA GLU C 277 22.27 26.71 6.23
C GLU C 277 23.45 27.64 5.96
N SER C 278 23.77 28.53 6.90
CA SER C 278 24.89 29.44 6.66
C SER C 278 26.23 28.71 6.73
N ARG C 279 26.30 27.61 7.47
CA ARG C 279 27.56 26.88 7.61
C ARG C 279 27.68 25.69 6.69
N PHE C 280 26.57 25.01 6.37
CA PHE C 280 26.63 23.74 5.67
C PHE C 280 25.74 23.70 4.44
N GLY C 281 25.26 24.85 3.97
CA GLY C 281 24.44 24.88 2.80
C GLY C 281 25.23 24.56 1.55
N ASP C 282 24.51 24.54 0.44
CA ASP C 282 25.11 24.22 -0.86
C ASP C 282 24.91 25.38 -1.81
N SER D 15 49.93 -26.60 -53.47
CA SER D 15 49.66 -25.25 -53.00
C SER D 15 49.43 -25.22 -51.48
N HIS D 16 49.90 -24.16 -50.84
CA HIS D 16 49.75 -24.02 -49.40
C HIS D 16 48.27 -23.93 -49.02
N MET D 17 47.98 -24.34 -47.79
CA MET D 17 46.61 -24.31 -47.30
C MET D 17 46.19 -22.89 -47.01
N THR D 18 44.94 -22.56 -47.36
CA THR D 18 44.42 -21.21 -47.24
C THR D 18 43.25 -21.18 -46.28
N ASP D 19 43.18 -20.12 -45.47
CA ASP D 19 42.08 -19.91 -44.55
C ASP D 19 41.04 -19.01 -45.21
N LEU D 20 39.83 -19.53 -45.37
CA LEU D 20 38.76 -18.76 -45.99
C LEU D 20 38.23 -17.69 -45.04
N ASN D 21 38.22 -17.98 -43.74
CA ASN D 21 37.72 -17.07 -42.71
C ASN D 21 36.24 -16.71 -42.97
N ILE D 22 35.40 -17.69 -42.69
CA ILE D 22 33.96 -17.56 -42.87
C ILE D 22 33.32 -17.33 -41.49
N PRO D 23 32.51 -16.29 -41.32
CA PRO D 23 31.81 -16.10 -40.04
C PRO D 23 30.93 -17.31 -39.73
N HIS D 24 30.70 -17.54 -38.43
CA HIS D 24 29.93 -18.71 -38.03
C HIS D 24 28.50 -18.63 -38.55
N THR D 25 28.00 -19.75 -39.07
CA THR D 25 26.67 -19.76 -39.65
C THR D 25 25.62 -20.21 -38.64
N HIS D 26 24.38 -19.80 -38.92
CA HIS D 26 23.23 -20.26 -38.14
C HIS D 26 23.23 -21.78 -37.99
N ALA D 27 23.41 -22.52 -39.09
CA ALA D 27 23.35 -23.98 -39.01
C ALA D 27 24.43 -24.53 -38.10
N HIS D 28 25.63 -23.96 -38.15
CA HIS D 28 26.69 -24.50 -37.31
C HIS D 28 26.49 -24.13 -35.85
N LEU D 29 25.92 -22.96 -35.58
CA LEU D 29 25.62 -22.59 -34.19
C LEU D 29 24.54 -23.47 -33.60
N VAL D 30 23.47 -23.76 -34.37
CA VAL D 30 22.41 -24.64 -33.89
C VAL D 30 23.00 -25.97 -33.44
N ASP D 31 23.84 -26.54 -34.30
CA ASP D 31 24.43 -27.85 -33.99
C ASP D 31 25.38 -27.76 -32.79
N ALA D 32 26.11 -26.66 -32.67
CA ALA D 32 27.01 -26.50 -31.52
C ALA D 32 26.22 -26.42 -30.22
N PHE D 33 25.08 -25.72 -30.23
CA PHE D 33 24.23 -25.69 -29.04
C PHE D 33 23.68 -27.07 -28.73
N GLN D 34 23.20 -27.78 -29.76
CA GLN D 34 22.66 -29.12 -29.56
C GLN D 34 23.73 -30.06 -29.03
N ALA D 35 24.97 -29.91 -29.51
CA ALA D 35 26.03 -30.81 -29.09
C ALA D 35 26.35 -30.65 -27.62
N LEU D 36 26.14 -29.44 -27.08
CA LEU D 36 26.29 -29.19 -25.66
C LEU D 36 25.23 -29.91 -24.85
N GLY D 37 24.10 -30.21 -25.47
CA GLY D 37 23.00 -30.86 -24.76
C GLY D 37 21.73 -30.03 -24.69
N ILE D 38 21.66 -28.95 -25.46
CA ILE D 38 20.41 -28.20 -25.53
C ILE D 38 19.41 -28.99 -26.34
N ARG D 39 18.21 -29.17 -25.78
CA ARG D 39 17.20 -30.02 -26.40
C ARG D 39 15.88 -29.25 -26.54
N ALA D 40 15.06 -29.73 -27.47
CA ALA D 40 13.73 -29.18 -27.67
C ALA D 40 12.94 -29.18 -26.36
N GLY D 41 12.32 -28.05 -26.07
CA GLY D 41 11.42 -27.95 -24.94
C GLY D 41 12.05 -27.43 -23.66
N GLN D 42 13.37 -27.31 -23.60
CA GLN D 42 14.01 -26.86 -22.37
C GLN D 42 13.76 -25.38 -22.13
N ALA D 43 13.79 -24.99 -20.86
CA ALA D 43 13.84 -23.60 -20.46
C ALA D 43 15.28 -23.27 -20.09
N LEU D 44 15.82 -22.21 -20.69
CA LEU D 44 17.25 -21.95 -20.61
C LEU D 44 17.51 -20.49 -20.37
N MET D 45 18.36 -20.19 -19.38
CA MET D 45 18.87 -18.84 -19.14
C MET D 45 20.25 -18.72 -19.75
N LEU D 46 20.48 -17.64 -20.50
CA LEU D 46 21.72 -17.43 -21.23
C LEU D 46 22.52 -16.28 -20.62
N HIS D 47 23.83 -16.50 -20.46
CA HIS D 47 24.80 -15.45 -20.19
C HIS D 47 25.85 -15.51 -21.29
N ALA D 48 26.18 -14.37 -21.89
CA ALA D 48 26.97 -14.44 -23.10
C ALA D 48 27.98 -13.29 -23.23
N SER D 49 29.01 -13.55 -24.03
CA SER D 49 29.89 -12.52 -24.59
C SER D 49 29.84 -12.65 -26.11
N VAL D 50 29.34 -11.61 -26.77
CA VAL D 50 29.31 -11.61 -28.24
C VAL D 50 30.72 -11.69 -28.81
N LYS D 51 31.67 -10.98 -28.19
CA LYS D 51 33.03 -10.98 -28.70
C LYS D 51 33.66 -12.37 -28.58
N ALA D 52 33.34 -13.11 -27.52
CA ALA D 52 33.92 -14.43 -27.34
C ALA D 52 33.47 -15.41 -28.42
N VAL D 53 32.24 -15.25 -28.91
CA VAL D 53 31.74 -16.14 -29.95
C VAL D 53 32.47 -15.91 -31.27
N GLY D 54 32.91 -14.69 -31.54
CA GLY D 54 33.52 -14.36 -32.81
C GLY D 54 32.49 -14.00 -33.86
N ALA D 55 32.98 -13.61 -35.04
CA ALA D 55 32.10 -13.09 -36.08
C ALA D 55 31.05 -14.14 -36.46
N VAL D 56 29.79 -13.72 -36.47
CA VAL D 56 28.67 -14.57 -36.84
C VAL D 56 28.02 -13.98 -38.08
N MET D 57 27.65 -14.86 -39.02
CA MET D 57 27.07 -14.42 -40.30
C MET D 57 25.64 -13.95 -40.05
N GLY D 58 25.45 -12.64 -39.97
CA GLY D 58 24.16 -12.07 -39.62
C GLY D 58 24.14 -11.38 -38.27
N GLY D 59 25.25 -11.44 -37.52
CA GLY D 59 25.37 -10.71 -36.29
C GLY D 59 24.71 -11.42 -35.13
N PRO D 60 24.66 -10.75 -33.98
CA PRO D 60 24.17 -11.42 -32.76
C PRO D 60 22.74 -11.91 -32.82
N ASN D 61 21.88 -11.31 -33.66
CA ASN D 61 20.54 -11.86 -33.86
C ASN D 61 20.60 -13.34 -34.18
N VAL D 62 21.62 -13.77 -34.92
CA VAL D 62 21.73 -15.17 -35.33
C VAL D 62 22.11 -16.06 -34.15
N ILE D 63 22.89 -15.53 -33.21
CA ILE D 63 23.15 -16.28 -31.97
C ILE D 63 21.83 -16.60 -31.28
N LEU D 64 20.98 -15.59 -31.12
CA LEU D 64 19.70 -15.79 -30.46
C LEU D 64 18.79 -16.73 -31.26
N GLN D 65 18.71 -16.53 -32.58
CA GLN D 65 17.80 -17.35 -33.37
C GLN D 65 18.26 -18.79 -33.41
N ALA D 66 19.57 -19.02 -33.52
CA ALA D 66 20.09 -20.39 -33.50
C ALA D 66 19.78 -21.07 -32.17
N LEU D 67 19.93 -20.34 -31.06
CA LEU D 67 19.61 -20.93 -29.76
C LEU D 67 18.11 -21.22 -29.64
N MET D 68 17.26 -20.27 -30.09
CA MET D 68 15.82 -20.48 -30.11
CA MET D 68 15.83 -20.52 -30.06
C MET D 68 15.44 -21.67 -30.99
N ASP D 69 16.15 -21.84 -32.11
CA ASP D 69 15.84 -22.97 -32.99
C ASP D 69 16.23 -24.30 -32.34
N ALA D 70 17.35 -24.33 -31.62
CA ALA D 70 17.69 -25.54 -30.88
C ALA D 70 16.67 -25.84 -29.80
N LEU D 71 16.12 -24.79 -29.17
CA LEU D 71 15.13 -24.99 -28.11
C LEU D 71 13.76 -25.33 -28.68
N THR D 72 13.48 -24.92 -29.94
CA THR D 72 12.18 -24.98 -30.62
C THR D 72 11.16 -24.06 -29.95
N PRO D 73 10.03 -23.77 -30.61
CA PRO D 73 9.00 -22.95 -29.95
C PRO D 73 8.45 -23.57 -28.68
N ASP D 74 8.67 -24.87 -28.47
CA ASP D 74 8.26 -25.52 -27.23
C ASP D 74 9.18 -25.15 -26.06
N GLY D 75 10.37 -24.63 -26.36
CA GLY D 75 11.32 -24.22 -25.34
C GLY D 75 11.22 -22.73 -25.05
N THR D 76 12.07 -22.27 -24.12
CA THR D 76 12.04 -20.90 -23.64
C THR D 76 13.47 -20.41 -23.40
N LEU D 77 13.74 -19.16 -23.79
CA LEU D 77 15.04 -18.54 -23.61
C LEU D 77 14.87 -17.30 -22.75
N MET D 78 15.68 -17.17 -21.71
CA MET D 78 15.55 -16.04 -20.79
C MET D 78 16.92 -15.42 -20.57
N MET D 79 16.94 -14.11 -20.32
CA MET D 79 18.18 -13.42 -19.98
C MET D 79 17.88 -12.39 -18.89
N TYR D 80 18.90 -12.06 -18.11
CA TYR D 80 18.81 -11.00 -17.11
C TYR D 80 19.08 -9.67 -17.81
N ALA D 81 18.05 -8.81 -17.88
CA ALA D 81 18.19 -7.50 -18.50
C ALA D 81 18.49 -6.40 -17.49
N GLY D 82 17.75 -6.35 -16.39
CA GLY D 82 17.95 -5.25 -15.46
C GLY D 82 17.51 -3.93 -16.08
N TRP D 83 18.09 -2.84 -15.57
CA TRP D 83 17.78 -1.50 -16.06
C TRP D 83 19.06 -0.68 -16.02
N GLN D 84 19.55 -0.31 -17.20
CA GLN D 84 20.82 0.41 -17.29
C GLN D 84 20.80 1.73 -16.52
N ASP D 85 19.65 2.39 -16.48
CA ASP D 85 19.54 3.74 -15.95
C ASP D 85 18.89 3.79 -14.57
N ILE D 86 18.92 2.69 -13.83
CA ILE D 86 18.30 2.68 -12.49
C ILE D 86 18.97 3.69 -11.58
N PRO D 87 18.23 4.64 -11.02
CA PRO D 87 18.84 5.68 -10.17
C PRO D 87 18.87 5.27 -8.70
N ASP D 88 19.43 4.10 -8.41
CA ASP D 88 19.44 3.60 -7.04
C ASP D 88 20.52 4.23 -6.16
N PHE D 89 21.30 5.17 -6.70
CA PHE D 89 22.43 5.77 -6.00
C PHE D 89 22.13 7.16 -5.47
N ILE D 90 20.89 7.63 -5.57
CA ILE D 90 20.60 9.06 -5.36
C ILE D 90 20.89 9.50 -3.93
N ASP D 91 20.86 8.59 -2.96
CA ASP D 91 21.10 9.02 -1.58
C ASP D 91 22.54 9.46 -1.37
N SER D 92 23.45 9.08 -2.25
CA SER D 92 24.85 9.48 -2.11
C SER D 92 25.13 10.82 -2.75
N LEU D 93 24.19 11.39 -3.48
CA LEU D 93 24.36 12.67 -4.14
C LEU D 93 24.07 13.80 -3.18
N PRO D 94 24.60 14.99 -3.46
CA PRO D 94 24.17 16.18 -2.70
C PRO D 94 22.66 16.29 -2.74
N ASP D 95 22.10 16.80 -1.63
CA ASP D 95 20.65 16.84 -1.44
C ASP D 95 19.96 17.55 -2.60
N ALA D 96 20.53 18.69 -3.04
CA ALA D 96 19.87 19.45 -4.10
C ALA D 96 19.89 18.73 -5.43
N LEU D 97 20.89 17.86 -5.65
CA LEU D 97 20.90 17.03 -6.85
C LEU D 97 19.94 15.86 -6.74
N LYS D 98 19.86 15.23 -5.57
CA LYS D 98 18.83 14.23 -5.32
C LYS D 98 17.44 14.78 -5.62
N ALA D 99 17.18 16.03 -5.23
CA ALA D 99 15.86 16.62 -5.49
C ALA D 99 15.57 16.69 -6.99
N VAL D 100 16.58 17.00 -7.80
CA VAL D 100 16.38 17.02 -9.26
C VAL D 100 16.03 15.61 -9.77
N TYR D 101 16.76 14.60 -9.29
CA TYR D 101 16.44 13.24 -9.69
C TYR D 101 15.01 12.86 -9.33
N LEU D 102 14.57 13.22 -8.12
CA LEU D 102 13.23 12.85 -7.71
C LEU D 102 12.18 13.47 -8.61
N GLU D 103 12.45 14.66 -9.15
CA GLU D 103 11.48 15.31 -10.00
C GLU D 103 11.59 14.88 -11.47
N GLN D 104 12.81 14.71 -11.98
CA GLN D 104 13.05 14.59 -13.41
C GLN D 104 13.47 13.22 -13.91
N HIS D 105 13.96 12.33 -13.06
CA HIS D 105 14.39 11.03 -13.58
C HIS D 105 13.17 10.22 -13.98
N PRO D 106 13.18 9.58 -15.15
CA PRO D 106 12.00 8.82 -15.57
C PRO D 106 11.86 7.56 -14.74
N PRO D 107 10.66 7.01 -14.66
CA PRO D 107 10.45 5.74 -13.96
C PRO D 107 10.84 4.56 -14.85
N PHE D 108 10.96 3.40 -14.21
CA PHE D 108 11.10 2.14 -14.95
C PHE D 108 9.84 1.89 -15.76
N ASP D 109 9.96 1.97 -17.08
CA ASP D 109 8.88 1.61 -17.99
C ASP D 109 9.34 0.35 -18.70
N PRO D 110 8.69 -0.79 -18.47
CA PRO D 110 9.21 -2.05 -19.05
C PRO D 110 9.23 -2.07 -20.57
N ALA D 111 8.46 -1.20 -21.23
CA ALA D 111 8.43 -1.16 -22.69
C ALA D 111 9.71 -0.58 -23.28
N THR D 112 10.37 0.32 -22.54
CA THR D 112 11.51 1.06 -23.07
C THR D 112 12.78 0.98 -22.23
N ALA D 113 12.71 0.57 -20.95
CA ALA D 113 13.88 0.61 -20.08
C ALA D 113 15.01 -0.23 -20.66
N ARG D 114 16.17 0.38 -20.88
CA ARG D 114 17.24 -0.34 -21.56
C ARG D 114 17.92 -1.33 -20.62
N ALA D 115 18.34 -2.46 -21.18
CA ALA D 115 19.04 -3.46 -20.38
C ALA D 115 20.41 -2.94 -19.97
N VAL D 116 20.90 -3.43 -18.82
CA VAL D 116 22.25 -3.13 -18.36
C VAL D 116 23.26 -3.53 -19.43
N ARG D 117 24.12 -2.60 -19.82
CA ARG D 117 25.06 -2.88 -20.91
C ARG D 117 26.01 -4.02 -20.53
N GLU D 118 26.42 -4.07 -19.25
CA GLU D 118 27.36 -5.10 -18.81
C GLU D 118 26.70 -6.48 -18.73
N ASN D 119 25.40 -6.57 -19.01
CA ASN D 119 24.70 -7.85 -19.10
C ASN D 119 24.75 -8.45 -20.50
N SER D 120 25.54 -7.86 -21.39
CA SER D 120 25.73 -8.17 -22.81
C SER D 120 24.68 -7.48 -23.67
N VAL D 121 25.11 -6.96 -24.82
CA VAL D 121 24.18 -6.43 -25.81
C VAL D 121 23.13 -7.49 -26.17
N LEU D 122 23.45 -8.78 -25.99
CA LEU D 122 22.46 -9.81 -26.31
C LEU D 122 21.23 -9.69 -25.42
N ALA D 123 21.39 -9.27 -24.17
CA ALA D 123 20.23 -9.06 -23.32
C ALA D 123 19.33 -7.97 -23.87
N GLU D 124 19.93 -6.91 -24.41
CA GLU D 124 19.13 -5.85 -25.02
C GLU D 124 18.49 -6.34 -26.30
N PHE D 125 19.19 -7.19 -27.06
CA PHE D 125 18.62 -7.75 -28.30
C PHE D 125 17.42 -8.64 -27.97
N LEU D 126 17.52 -9.43 -26.89
CA LEU D 126 16.40 -10.30 -26.53
C LEU D 126 15.26 -9.49 -25.95
N ARG D 127 15.57 -8.43 -25.19
CA ARG D 127 14.53 -7.58 -24.63
C ARG D 127 13.63 -7.00 -25.71
N THR D 128 14.18 -6.81 -26.92
CA THR D 128 13.43 -6.19 -28.01
C THR D 128 12.99 -7.20 -29.07
N TRP D 129 13.01 -8.49 -28.74
CA TRP D 129 12.64 -9.56 -29.66
C TRP D 129 11.11 -9.69 -29.75
N PRO D 130 10.59 -10.10 -30.92
CA PRO D 130 9.15 -10.35 -31.01
C PRO D 130 8.69 -11.36 -29.97
N CYS D 131 7.53 -11.08 -29.36
CA CYS D 131 6.85 -11.96 -28.41
C CYS D 131 7.57 -12.06 -27.08
N VAL D 132 8.46 -11.11 -26.78
CA VAL D 132 9.18 -11.13 -25.52
C VAL D 132 8.24 -10.79 -24.35
N HIS D 133 8.53 -11.38 -23.19
CA HIS D 133 7.88 -11.05 -21.94
C HIS D 133 8.96 -10.54 -20.98
N ARG D 134 8.62 -9.51 -20.20
CA ARG D 134 9.59 -8.88 -19.31
C ARG D 134 9.04 -8.80 -17.89
N SER D 135 9.87 -9.22 -16.92
CA SER D 135 9.44 -9.19 -15.52
C SER D 135 9.50 -7.77 -14.94
N ALA D 136 8.72 -7.55 -13.86
CA ALA D 136 8.38 -6.21 -13.40
C ALA D 136 9.40 -5.60 -12.44
N ASN D 137 10.29 -6.40 -11.86
CA ASN D 137 11.27 -5.89 -10.92
C ASN D 137 12.33 -5.12 -11.70
N PRO D 138 12.48 -3.81 -11.49
CA PRO D 138 13.40 -3.06 -12.35
C PRO D 138 14.84 -3.54 -12.27
N GLU D 139 15.40 -3.62 -11.06
CA GLU D 139 16.81 -3.95 -10.91
C GLU D 139 17.10 -5.38 -11.36
N ALA D 140 16.15 -6.29 -11.13
CA ALA D 140 16.31 -7.70 -11.40
C ALA D 140 15.58 -8.15 -12.66
N SER D 141 15.19 -7.23 -13.54
CA SER D 141 14.25 -7.53 -14.61
C SER D 141 14.78 -8.61 -15.55
N MET D 142 13.95 -9.60 -15.84
CA MET D 142 14.31 -10.66 -16.75
C MET D 142 13.42 -10.63 -17.99
N VAL D 143 13.98 -11.03 -19.14
CA VAL D 143 13.25 -11.06 -20.39
C VAL D 143 13.27 -12.48 -20.92
N ALA D 144 12.17 -12.91 -21.56
CA ALA D 144 12.11 -14.30 -22.01
C ALA D 144 11.21 -14.42 -23.24
N VAL D 145 11.56 -15.36 -24.11
CA VAL D 145 10.79 -15.66 -25.31
C VAL D 145 10.57 -17.17 -25.34
N GLY D 146 9.34 -17.60 -25.57
CA GLY D 146 9.06 -19.01 -25.78
C GLY D 146 7.88 -19.48 -24.96
N ARG D 147 7.73 -20.80 -24.89
CA ARG D 147 6.49 -21.39 -24.39
C ARG D 147 6.20 -21.00 -22.95
N GLN D 148 7.23 -20.94 -22.11
CA GLN D 148 7.03 -20.66 -20.69
C GLN D 148 7.54 -19.28 -20.31
N ALA D 149 7.64 -18.38 -21.29
CA ALA D 149 8.17 -17.04 -21.03
C ALA D 149 7.25 -16.26 -20.09
N ALA D 150 5.92 -16.38 -20.29
CA ALA D 150 4.99 -15.70 -19.41
C ALA D 150 5.10 -16.24 -17.98
N LEU D 151 5.10 -17.56 -17.82
CA LEU D 151 5.25 -18.14 -16.49
C LEU D 151 6.53 -17.67 -15.80
N LEU D 152 7.66 -17.69 -16.51
CA LEU D 152 8.94 -17.36 -15.88
C LEU D 152 8.95 -15.92 -15.39
N THR D 153 8.37 -14.99 -16.15
CA THR D 153 8.49 -13.57 -15.87
C THR D 153 7.34 -13.01 -15.04
N ALA D 154 6.31 -13.79 -14.75
CA ALA D 154 5.12 -13.25 -14.10
C ALA D 154 5.36 -13.01 -12.61
N ASN D 155 4.71 -11.97 -12.09
CA ASN D 155 4.61 -11.75 -10.64
C ASN D 155 5.98 -11.72 -9.98
N HIS D 156 6.90 -10.98 -10.58
CA HIS D 156 8.25 -10.83 -10.05
C HIS D 156 8.20 -9.74 -8.97
N ALA D 157 8.29 -10.15 -7.70
CA ALA D 157 8.14 -9.21 -6.61
C ALA D 157 9.27 -8.19 -6.61
N LEU D 158 8.94 -6.98 -6.16
CA LEU D 158 9.94 -5.91 -6.12
C LEU D 158 10.99 -6.18 -5.04
N ASP D 159 10.58 -6.71 -3.90
CA ASP D 159 11.53 -6.99 -2.84
C ASP D 159 12.09 -8.38 -3.02
N TYR D 160 13.38 -8.54 -2.71
CA TYR D 160 14.05 -9.85 -2.80
C TYR D 160 13.90 -10.47 -4.18
N GLY D 161 14.37 -9.71 -5.17
CA GLY D 161 14.17 -10.01 -6.58
C GLY D 161 14.88 -11.23 -7.10
N TYR D 162 15.74 -11.87 -6.30
CA TYR D 162 16.37 -13.12 -6.70
C TYR D 162 15.90 -14.27 -5.83
N GLY D 163 14.81 -14.07 -5.11
CA GLY D 163 14.30 -15.00 -4.10
C GLY D 163 13.17 -15.88 -4.59
N VAL D 164 12.23 -16.17 -3.68
CA VAL D 164 11.20 -17.16 -3.96
C VAL D 164 10.18 -16.65 -5.00
N GLU D 165 9.98 -15.34 -5.08
CA GLU D 165 9.05 -14.73 -6.04
C GLU D 165 9.78 -14.21 -7.27
N SER D 166 10.66 -15.01 -7.88
CA SER D 166 11.50 -14.50 -8.95
C SER D 166 11.53 -15.48 -10.12
N PRO D 167 11.94 -15.01 -11.30
CA PRO D 167 12.10 -15.94 -12.42
C PRO D 167 13.13 -17.01 -12.16
N LEU D 168 14.10 -16.76 -11.27
CA LEU D 168 15.11 -17.78 -10.97
C LEU D 168 14.50 -18.93 -10.19
N ALA D 169 13.63 -18.62 -9.22
CA ALA D 169 12.90 -19.69 -8.53
C ALA D 169 12.07 -20.49 -9.52
N LYS D 170 11.44 -19.83 -10.49
CA LYS D 170 10.60 -20.55 -11.44
C LYS D 170 11.45 -21.38 -12.39
N LEU D 171 12.60 -20.88 -12.79
CA LEU D 171 13.53 -21.65 -13.62
C LEU D 171 13.94 -22.94 -12.93
N VAL D 172 14.25 -22.87 -11.64
CA VAL D 172 14.55 -24.08 -10.87
C VAL D 172 13.35 -25.02 -10.85
N ALA D 173 12.15 -24.46 -10.61
CA ALA D 173 10.96 -25.29 -10.44
C ALA D 173 10.58 -26.03 -11.72
N ILE D 174 10.83 -25.45 -12.89
CA ILE D 174 10.53 -26.12 -14.14
C ILE D 174 11.73 -26.90 -14.67
N GLU D 175 12.78 -27.07 -13.85
CA GLU D 175 13.95 -27.87 -14.19
C GLU D 175 14.65 -27.33 -15.44
N GLY D 176 14.88 -26.03 -15.43
CA GLY D 176 15.55 -25.36 -16.53
C GLY D 176 17.05 -25.44 -16.43
N TYR D 177 17.71 -24.70 -17.32
CA TYR D 177 19.14 -24.77 -17.51
C TYR D 177 19.73 -23.38 -17.60
N VAL D 178 21.05 -23.32 -17.39
CA VAL D 178 21.83 -22.09 -17.54
C VAL D 178 22.95 -22.37 -18.54
N LEU D 179 23.06 -21.52 -19.56
CA LEU D 179 24.11 -21.63 -20.56
C LEU D 179 25.04 -20.42 -20.43
N MET D 180 26.31 -20.70 -20.14
CA MET D 180 27.41 -19.74 -20.21
C MET D 180 28.05 -19.79 -21.59
N LEU D 181 27.91 -18.73 -22.37
CA LEU D 181 28.39 -18.70 -23.75
C LEU D 181 29.53 -17.68 -23.81
N GLY D 182 30.73 -18.14 -23.48
CA GLY D 182 31.89 -17.27 -23.43
C GLY D 182 31.83 -16.24 -22.31
N ALA D 183 30.87 -16.40 -21.37
CA ALA D 183 30.73 -15.47 -20.25
C ALA D 183 31.48 -16.01 -19.03
N PRO D 184 32.06 -15.13 -18.22
CA PRO D 184 32.77 -15.61 -17.02
C PRO D 184 31.83 -16.36 -16.09
N LEU D 185 32.36 -17.40 -15.44
CA LEU D 185 31.56 -18.16 -14.49
C LEU D 185 31.10 -17.31 -13.31
N ASP D 186 31.78 -16.19 -13.04
CA ASP D 186 31.34 -15.28 -11.98
C ASP D 186 29.99 -14.63 -12.26
N THR D 187 29.51 -14.66 -13.51
CA THR D 187 28.31 -13.94 -13.90
C THR D 187 27.03 -14.78 -13.84
N ILE D 188 27.05 -15.96 -13.21
CA ILE D 188 25.85 -16.77 -13.12
C ILE D 188 24.83 -16.15 -12.15
N THR D 189 23.82 -15.46 -12.68
CA THR D 189 22.84 -14.77 -11.83
C THR D 189 22.09 -15.74 -10.93
N LEU D 190 21.87 -16.97 -11.40
CA LEU D 190 21.19 -17.98 -10.58
C LEU D 190 21.82 -18.13 -9.20
N LEU D 191 23.12 -17.90 -9.08
CA LEU D 191 23.75 -18.10 -7.78
C LEU D 191 23.32 -17.05 -6.76
N HIS D 192 22.77 -15.92 -7.19
CA HIS D 192 22.14 -15.01 -6.24
C HIS D 192 20.88 -15.62 -5.64
N HIS D 193 20.22 -16.52 -6.39
CA HIS D 193 19.10 -17.26 -5.82
C HIS D 193 19.60 -18.27 -4.79
N ALA D 194 20.73 -18.92 -5.06
CA ALA D 194 21.33 -19.78 -4.04
C ALA D 194 21.67 -18.99 -2.79
N GLU D 195 22.26 -17.79 -2.94
CA GLU D 195 22.54 -16.95 -1.78
C GLU D 195 21.27 -16.67 -0.99
N TYR D 196 20.18 -16.37 -1.69
CA TYR D 196 18.91 -16.11 -1.04
C TYR D 196 18.48 -17.31 -0.21
N LEU D 197 18.59 -18.52 -0.79
CA LEU D 197 18.11 -19.72 -0.12
C LEU D 197 19.01 -20.16 1.02
N ALA D 198 20.30 -19.85 0.95
CA ALA D 198 21.27 -20.47 1.86
C ALA D 198 21.14 -19.89 3.27
N LYS D 199 21.21 -20.78 4.26
CA LYS D 199 21.26 -20.38 5.67
C LYS D 199 22.69 -20.02 6.00
N MET D 200 23.02 -18.74 5.82
CA MET D 200 24.37 -18.26 6.03
C MET D 200 24.43 -17.47 7.33
N ARG D 201 25.65 -17.32 7.86
CA ARG D 201 25.82 -16.62 9.13
C ARG D 201 25.29 -15.20 9.06
N HIS D 202 25.61 -14.47 8.00
CA HIS D 202 25.06 -13.12 7.85
C HIS D 202 25.01 -12.77 6.38
N LYS D 203 23.88 -12.22 5.96
CA LYS D 203 23.71 -11.68 4.62
C LYS D 203 23.36 -10.20 4.71
N ASN D 204 23.97 -9.40 3.85
CA ASN D 204 23.77 -7.97 3.88
C ASN D 204 22.49 -7.59 3.14
N VAL D 205 21.65 -6.79 3.79
CA VAL D 205 20.41 -6.31 3.22
C VAL D 205 20.61 -4.89 2.75
N VAL D 206 20.10 -4.58 1.56
CA VAL D 206 20.10 -3.22 1.01
C VAL D 206 18.66 -2.74 0.90
N ARG D 207 18.48 -1.43 1.08
CA ARG D 207 17.19 -0.78 0.85
C ARG D 207 17.49 0.47 0.04
N TYR D 208 16.85 0.60 -1.12
CA TYR D 208 17.22 1.66 -2.05
C TYR D 208 15.98 2.20 -2.74
N PRO D 209 16.01 3.47 -3.16
CA PRO D 209 14.86 4.06 -3.83
C PRO D 209 14.84 3.70 -5.31
N CYS D 210 13.64 3.64 -5.88
CA CYS D 210 13.50 3.36 -7.32
C CYS D 210 12.19 3.94 -7.84
N PRO D 211 12.20 4.65 -8.97
CA PRO D 211 10.94 5.13 -9.54
C PRO D 211 10.30 4.07 -10.43
N ILE D 212 9.00 3.82 -10.22
CA ILE D 212 8.25 2.84 -11.00
C ILE D 212 6.97 3.50 -11.52
N LEU D 213 6.25 2.76 -12.35
CA LEU D 213 4.95 3.18 -12.84
C LEU D 213 3.86 2.49 -12.04
N ARG D 214 2.91 3.26 -11.54
CA ARG D 214 1.76 2.72 -10.85
CA ARG D 214 1.77 2.71 -10.83
C ARG D 214 0.54 3.48 -11.33
N ASP D 215 -0.39 2.76 -11.94
CA ASP D 215 -1.58 3.38 -12.52
C ASP D 215 -1.19 4.44 -13.55
N GLY D 216 -0.10 4.17 -14.29
CA GLY D 216 0.38 5.06 -15.32
C GLY D 216 1.16 6.26 -14.85
N ARG D 217 1.39 6.41 -13.54
CA ARG D 217 2.07 7.57 -12.97
CA ARG D 217 2.12 7.57 -13.04
C ARG D 217 3.38 7.12 -12.31
N LYS D 218 4.36 8.02 -12.30
CA LYS D 218 5.63 7.76 -11.64
C LYS D 218 5.49 7.83 -10.13
N VAL D 219 5.93 6.78 -9.44
CA VAL D 219 5.96 6.73 -7.98
CA VAL D 219 5.97 6.75 -7.98
C VAL D 219 7.33 6.21 -7.56
N TRP D 220 7.94 6.86 -6.57
CA TRP D 220 9.20 6.40 -6.02
C TRP D 220 8.91 5.45 -4.86
N VAL D 221 9.49 4.27 -4.91
CA VAL D 221 9.31 3.28 -3.85
C VAL D 221 10.66 2.87 -3.28
N THR D 222 10.61 2.23 -2.11
CA THR D 222 11.81 1.64 -1.51
C THR D 222 11.81 0.15 -1.82
N VAL D 223 12.93 -0.32 -2.37
CA VAL D 223 13.13 -1.74 -2.68
C VAL D 223 14.06 -2.31 -1.63
N GLU D 224 13.69 -3.46 -1.06
CA GLU D 224 14.55 -4.19 -0.13
C GLU D 224 15.03 -5.48 -0.81
N ASP D 225 16.31 -5.78 -0.67
CA ASP D 225 16.92 -6.96 -1.27
C ASP D 225 18.18 -7.34 -0.49
N TYR D 226 18.65 -8.55 -0.75
CA TYR D 226 20.02 -8.87 -0.37
C TYR D 226 20.96 -8.16 -1.34
N ASP D 227 22.10 -7.72 -0.81
CA ASP D 227 23.14 -7.14 -1.65
C ASP D 227 23.52 -8.15 -2.72
N THR D 228 23.53 -7.72 -3.99
CA THR D 228 24.02 -8.56 -5.08
C THR D 228 25.23 -7.95 -5.75
N GLY D 229 25.76 -6.86 -5.21
CA GLY D 229 26.94 -6.23 -5.75
C GLY D 229 28.23 -6.78 -5.19
N ASP D 230 28.16 -7.39 -4.01
CA ASP D 230 29.30 -7.98 -3.33
C ASP D 230 28.82 -9.24 -2.59
N PRO D 231 29.69 -10.23 -2.43
CA PRO D 231 29.27 -11.45 -1.72
C PRO D 231 29.10 -11.20 -0.22
N HIS D 232 28.34 -12.09 0.42
CA HIS D 232 28.02 -11.97 1.84
C HIS D 232 29.10 -12.54 2.74
N ASP D 233 30.09 -13.20 2.18
CA ASP D 233 31.20 -13.80 2.92
C ASP D 233 32.36 -13.97 1.95
N ASP D 234 33.38 -14.70 2.37
CA ASP D 234 34.64 -14.78 1.62
C ASP D 234 34.53 -15.86 0.54
N TYR D 235 33.80 -15.52 -0.52
CA TYR D 235 33.64 -16.42 -1.64
C TYR D 235 33.43 -15.60 -2.91
N SER D 236 33.51 -16.29 -4.06
CA SER D 236 33.10 -15.72 -5.33
C SER D 236 32.25 -16.74 -6.07
N PHE D 237 31.41 -16.24 -6.98
CA PHE D 237 30.64 -17.15 -7.83
C PHE D 237 31.56 -17.98 -8.72
N GLU D 238 32.64 -17.37 -9.20
CA GLU D 238 33.61 -18.11 -10.00
C GLU D 238 34.13 -19.32 -9.25
N GLN D 239 34.42 -19.15 -7.95
CA GLN D 239 34.94 -20.25 -7.15
C GLN D 239 33.90 -21.36 -7.00
N ILE D 240 32.64 -21.00 -6.75
CA ILE D 240 31.57 -22.00 -6.60
C ILE D 240 31.41 -22.79 -7.89
N ALA D 241 31.31 -22.08 -9.01
CA ALA D 241 31.12 -22.74 -10.31
C ALA D 241 32.33 -23.59 -10.68
N ARG D 242 33.55 -23.09 -10.43
CA ARG D 242 34.74 -23.90 -10.68
CA ARG D 242 34.73 -23.91 -10.70
C ARG D 242 34.70 -25.20 -9.89
N ASP D 243 34.26 -25.10 -8.62
CA ASP D 243 34.15 -26.30 -7.80
C ASP D 243 33.07 -27.24 -8.34
N TYR D 244 31.97 -26.66 -8.84
CA TYR D 244 30.89 -27.47 -9.42
C TYR D 244 31.39 -28.23 -10.65
N VAL D 245 32.10 -27.54 -11.55
CA VAL D 245 32.66 -28.19 -12.73
C VAL D 245 33.66 -29.27 -12.33
N ALA D 246 34.49 -28.99 -11.32
CA ALA D 246 35.55 -29.92 -10.95
C ALA D 246 35.00 -31.23 -10.42
N GLN D 247 33.80 -31.24 -9.84
CA GLN D 247 33.18 -32.45 -9.33
C GLN D 247 32.19 -33.05 -10.33
N GLY D 248 32.31 -32.71 -11.60
CA GLY D 248 31.53 -33.33 -12.65
C GLY D 248 30.28 -32.60 -13.08
N GLY D 249 30.04 -31.38 -12.59
CA GLY D 249 28.80 -30.70 -12.86
C GLY D 249 28.79 -30.08 -14.24
N GLY D 250 27.70 -30.29 -14.99
CA GLY D 250 27.48 -29.62 -16.25
C GLY D 250 28.12 -30.33 -17.43
N THR D 251 27.88 -29.76 -18.61
CA THR D 251 28.57 -30.15 -19.82
C THR D 251 29.30 -28.93 -20.39
N ARG D 252 30.27 -29.20 -21.25
CA ARG D 252 31.09 -28.13 -21.82
C ARG D 252 31.34 -28.42 -23.29
N GLY D 253 31.56 -27.35 -24.04
CA GLY D 253 31.88 -27.50 -25.45
C GLY D 253 32.09 -26.14 -26.07
N LYS D 254 32.51 -26.16 -27.33
CA LYS D 254 32.73 -24.94 -28.07
C LYS D 254 31.46 -24.56 -28.81
N VAL D 255 31.15 -23.26 -28.81
CA VAL D 255 30.10 -22.67 -29.64
C VAL D 255 30.74 -21.48 -30.34
N GLY D 256 30.89 -21.58 -31.65
CA GLY D 256 31.74 -20.61 -32.33
C GLY D 256 33.13 -20.64 -31.73
N ASP D 257 33.69 -19.47 -31.43
CA ASP D 257 35.00 -19.39 -30.80
C ASP D 257 34.93 -19.44 -29.27
N ALA D 258 33.74 -19.56 -28.69
CA ALA D 258 33.54 -19.40 -27.27
C ALA D 258 33.55 -20.73 -26.55
N ASP D 259 34.18 -20.75 -25.38
CA ASP D 259 34.00 -21.86 -24.45
C ASP D 259 32.61 -21.74 -23.83
N ALA D 260 31.86 -22.84 -23.82
CA ALA D 260 30.51 -22.82 -23.30
C ALA D 260 30.36 -23.85 -22.19
N TYR D 261 29.47 -23.55 -21.25
CA TYR D 261 29.11 -24.46 -20.16
C TYR D 261 27.60 -24.51 -20.07
N LEU D 262 27.05 -25.71 -19.84
CA LEU D 262 25.62 -25.88 -19.70
C LEU D 262 25.35 -26.56 -18.37
N PHE D 263 24.56 -25.90 -17.52
CA PHE D 263 24.29 -26.38 -16.17
C PHE D 263 22.80 -26.60 -15.97
N ALA D 264 22.43 -27.66 -15.27
CA ALA D 264 21.06 -27.82 -14.81
C ALA D 264 20.83 -26.90 -13.63
N ALA D 265 19.76 -26.09 -13.69
CA ALA D 265 19.52 -25.10 -12.64
C ALA D 265 19.24 -25.76 -11.29
N GLN D 266 18.47 -26.85 -11.28
CA GLN D 266 18.13 -27.47 -10.01
C GLN D 266 19.38 -28.03 -9.34
N ASP D 267 20.21 -28.76 -10.09
CA ASP D 267 21.39 -29.35 -9.49
C ASP D 267 22.41 -28.29 -9.07
N LEU D 268 22.63 -27.29 -9.92
CA LEU D 268 23.56 -26.22 -9.57
C LEU D 268 23.09 -25.46 -8.32
N THR D 269 21.80 -25.18 -8.23
CA THR D 269 21.29 -24.46 -7.06
C THR D 269 21.48 -25.28 -5.79
N ARG D 270 21.13 -26.58 -5.85
CA ARG D 270 21.37 -27.48 -4.73
C ARG D 270 22.84 -27.48 -4.30
N PHE D 271 23.74 -27.66 -5.27
CA PHE D 271 25.16 -27.69 -4.98
C PHE D 271 25.63 -26.38 -4.35
N ALA D 272 25.18 -25.26 -4.89
CA ALA D 272 25.63 -23.96 -4.41
C ALA D 272 25.11 -23.67 -3.01
N VAL D 273 23.85 -24.02 -2.72
CA VAL D 273 23.33 -23.84 -1.37
C VAL D 273 24.14 -24.64 -0.37
N GLN D 274 24.39 -25.91 -0.68
CA GLN D 274 25.17 -26.75 0.24
C GLN D 274 26.59 -26.23 0.36
N TRP D 275 27.16 -25.73 -0.75
CA TRP D 275 28.50 -25.17 -0.73
C TRP D 275 28.56 -23.99 0.23
N LEU D 276 27.60 -23.07 0.12
CA LEU D 276 27.59 -21.89 0.98
C LEU D 276 27.32 -22.25 2.43
N GLU D 277 26.39 -23.19 2.67
CA GLU D 277 26.06 -23.53 4.05
C GLU D 277 27.17 -24.31 4.73
N SER D 278 27.94 -25.11 3.97
CA SER D 278 29.03 -25.90 4.54
C SER D 278 30.19 -25.01 4.97
N ARG D 279 30.34 -23.84 4.34
CA ARG D 279 31.48 -22.97 4.61
C ARG D 279 31.13 -21.74 5.44
N PHE D 280 29.92 -21.20 5.27
CA PHE D 280 29.54 -19.93 5.88
C PHE D 280 28.23 -20.03 6.64
N GLY D 281 27.80 -21.23 7.00
CA GLY D 281 26.61 -21.40 7.80
C GLY D 281 26.84 -20.90 9.22
N ASP D 282 25.84 -21.12 10.05
CA ASP D 282 25.89 -20.72 11.45
C ASP D 282 25.35 -21.88 12.26
N SER D 283 26.19 -22.44 13.14
CA SER D 283 25.77 -23.57 13.97
C SER D 283 25.25 -23.15 15.33
N ALA D 284 25.26 -21.84 15.63
CA ALA D 284 24.71 -21.38 16.89
C ALA D 284 23.21 -21.60 16.92
N SER D 285 22.69 -22.01 18.07
CA SER D 285 21.27 -22.31 18.25
C SER D 285 20.63 -21.15 18.98
N TYR D 286 20.03 -20.24 18.23
CA TYR D 286 19.25 -19.14 18.77
C TYR D 286 17.79 -19.58 18.90
#